data_6H7J
#
_entry.id   6H7J
#
_cell.length_a   116.727
_cell.length_b   121.183
_cell.length_c   129.539
_cell.angle_alpha   90.00
_cell.angle_beta   90.00
_cell.angle_gamma   90.00
#
_symmetry.space_group_name_H-M   'P 21 21 21'
#
loop_
_entity.id
_entity.type
_entity.pdbx_description
1 polymer 'Thioredoxin 1'
2 polymer 'Beta-1 adrenergic receptor'
3 polymer 'Camelid antibody fragment Nb80'
4 non-polymer ISOPRENALINE
5 non-polymer 'SODIUM ION'
6 non-polymer HEGA-10
7 water water
#
loop_
_entity_poly.entity_id
_entity_poly.type
_entity_poly.pdbx_seq_one_letter_code
_entity_poly.pdbx_strand_id
1 'polypeptide(L)'
;SDKIIHLTDDSFDTDVLKADGAILVDFWAEWSGPSKMIAPILDEIADEYQGKLTVAKLNIDQNPGTAPKYGIRGIPTLLL
FKNGEVAATKVGALSKGQLKEFLDANLAE
;
E,F
2 'polypeptide(L)'
;AAAKVMSLLMALVVLLIVAGNVLVIAAIGSTQRLQTLTNLFITSLACADLVVGLLVVPFGATLVVRGTWLWGSFLCELWT
SLDVLCVTASIETLCVIAIDRYLAITSPFRYQSLMTRARAKVIICTVWAISALVSFLPIMMHWWRDEDPQALKCYQDPGC
CDFVTNRAYAIASSIISFYIPLLIMIFVYLRVYREAKEQIRKIDRASKRKTSRVMAMKEHKALKTLGIIMGVFTLCWLPF
FLVNIVNVFNRDLVPDWLFVAFNWLGYANSAMNPIIYCRSPDFRKAFKRLLAFPRKADRRLHHHHHH
;
A,B
3 'polypeptide(L)'
;SQVQLQESGGGLVQAGGSLRLSCAASGSIFSINTMGWYRQAPGKQRELVAAIHSGGSTNYANSVKGRFTISRDNAANTVY
LQMNSLKPEDTAVYYCNVKDYGAVLYEYDYWGQGTQVTVSS
;
C,D
#
# COMPACT_ATOMS: atom_id res chain seq x y z
N LYS A 3 -48.83 -0.79 39.25
CA LYS A 3 -48.77 0.21 38.15
C LYS A 3 -48.75 -0.38 36.73
N ILE A 4 -48.75 -1.72 36.61
CA ILE A 4 -48.78 -2.39 35.30
C ILE A 4 -50.20 -2.31 34.73
N ILE A 5 -50.31 -1.86 33.47
CA ILE A 5 -51.55 -1.93 32.71
C ILE A 5 -51.64 -3.34 32.13
N HIS A 6 -52.79 -3.99 32.31
CA HIS A 6 -53.07 -5.28 31.68
C HIS A 6 -54.02 -5.07 30.51
N LEU A 7 -53.46 -5.13 29.31
CA LEU A 7 -54.15 -4.69 28.09
C LEU A 7 -55.13 -5.74 27.55
N THR A 8 -56.10 -5.26 26.78
CA THR A 8 -57.00 -6.11 25.99
C THR A 8 -56.96 -5.65 24.53
N ASP A 9 -57.69 -6.37 23.66
CA ASP A 9 -57.74 -6.06 22.23
C ASP A 9 -58.44 -4.72 21.93
N ASP A 10 -59.58 -4.49 22.58
CA ASP A 10 -60.38 -3.27 22.34
C ASP A 10 -59.82 -2.02 23.02
N SER A 11 -59.29 -2.17 24.24
CA SER A 11 -58.71 -1.03 24.98
C SER A 11 -57.35 -0.54 24.43
N PHE A 12 -56.71 -1.34 23.56
CA PHE A 12 -55.39 -1.04 23.01
C PHE A 12 -55.25 0.36 22.40
N ASP A 13 -56.26 0.77 21.62
CA ASP A 13 -56.25 2.09 20.99
C ASP A 13 -56.24 3.22 22.05
N THR A 14 -57.04 3.06 23.11
CA THR A 14 -57.12 4.06 24.18
C THR A 14 -55.93 3.98 25.14
N ASP A 15 -55.49 2.77 25.47
CA ASP A 15 -54.43 2.54 26.47
C ASP A 15 -52.99 2.72 25.98
N VAL A 16 -52.76 2.63 24.66
CA VAL A 16 -51.41 2.75 24.09
C VAL A 16 -51.27 3.86 23.02
N LEU A 17 -52.16 3.86 22.02
CA LEU A 17 -52.06 4.83 20.92
C LEU A 17 -52.50 6.25 21.31
N LYS A 18 -53.57 6.35 22.12
CA LYS A 18 -54.05 7.63 22.65
C LYS A 18 -53.44 8.01 24.00
N ALA A 19 -52.59 7.15 24.58
CA ALA A 19 -52.13 7.34 25.96
C ALA A 19 -50.93 8.28 26.04
N ASP A 20 -50.85 8.96 27.18
CA ASP A 20 -49.84 9.98 27.42
C ASP A 20 -48.48 9.35 27.76
N GLY A 21 -47.42 10.01 27.33
CA GLY A 21 -46.06 9.61 27.67
C GLY A 21 -45.59 8.42 26.88
N ALA A 22 -44.46 7.87 27.31
CA ALA A 22 -43.91 6.64 26.75
C ALA A 22 -44.59 5.43 27.40
N ILE A 23 -44.87 4.40 26.61
CA ILE A 23 -45.47 3.15 27.10
C ILE A 23 -44.74 1.93 26.55
N LEU A 24 -44.24 1.07 27.46
CA LEU A 24 -43.54 -0.16 27.09
C LEU A 24 -44.53 -1.33 27.13
N VAL A 25 -44.75 -1.97 25.98
CA VAL A 25 -45.70 -3.08 25.88
C VAL A 25 -44.94 -4.40 25.83
N ASP A 26 -45.31 -5.32 26.74
CA ASP A 26 -44.80 -6.69 26.76
C ASP A 26 -45.84 -7.63 26.15
N PHE A 27 -45.41 -8.41 25.17
CA PHE A 27 -46.23 -9.46 24.56
C PHE A 27 -45.78 -10.77 25.16
N TRP A 28 -46.61 -11.34 26.05
CA TRP A 28 -46.25 -12.53 26.83
C TRP A 28 -47.32 -13.61 26.62
N ALA A 29 -46.92 -14.86 26.85
CA ALA A 29 -47.84 -16.01 26.79
C ALA A 29 -47.61 -16.91 28.00
N GLU A 30 -48.69 -17.54 28.48
CA GLU A 30 -48.60 -18.39 29.68
C GLU A 30 -47.77 -19.66 29.47
N TRP A 31 -47.68 -20.13 28.21
CA TRP A 31 -46.85 -21.30 27.86
C TRP A 31 -45.34 -20.99 27.79
N SER A 32 -44.98 -19.77 27.37
CA SER A 32 -43.58 -19.41 27.08
C SER A 32 -42.74 -19.12 28.34
N GLY A 33 -41.70 -19.93 28.54
CA GLY A 33 -40.78 -19.77 29.67
C GLY A 33 -39.95 -18.50 29.67
N PRO A 34 -39.47 -18.06 28.49
CA PRO A 34 -38.83 -16.74 28.38
C PRO A 34 -39.76 -15.55 28.68
N SER A 35 -41.06 -15.69 28.40
CA SER A 35 -42.05 -14.63 28.70
C SER A 35 -42.35 -14.51 30.21
N LYS A 36 -42.11 -15.59 30.96
CA LYS A 36 -42.23 -15.62 32.43
C LYS A 36 -41.00 -15.05 33.16
N MET A 37 -39.81 -15.25 32.58
CA MET A 37 -38.55 -14.77 33.18
C MET A 37 -38.48 -13.24 33.30
N ILE A 38 -39.08 -12.53 32.34
CA ILE A 38 -39.15 -11.06 32.33
C ILE A 38 -40.32 -10.47 33.17
N ALA A 39 -41.33 -11.27 33.47
CA ALA A 39 -42.50 -10.81 34.25
C ALA A 39 -42.16 -10.19 35.62
N PRO A 40 -41.35 -10.89 36.47
CA PRO A 40 -40.96 -10.28 37.75
C PRO A 40 -39.99 -9.10 37.59
N ILE A 41 -39.24 -9.07 36.49
CA ILE A 41 -38.32 -7.96 36.19
C ILE A 41 -39.10 -6.69 35.81
N LEU A 42 -40.14 -6.84 34.99
CA LEU A 42 -41.00 -5.71 34.59
C LEU A 42 -41.82 -5.14 35.76
N ASP A 43 -42.19 -5.99 36.73
CA ASP A 43 -42.86 -5.51 37.96
C ASP A 43 -41.95 -4.62 38.83
N GLU A 44 -40.65 -4.91 38.81
CA GLU A 44 -39.66 -4.06 39.49
C GLU A 44 -39.38 -2.75 38.74
N ILE A 45 -39.32 -2.83 37.40
CA ILE A 45 -39.08 -1.64 36.54
C ILE A 45 -40.23 -0.62 36.60
N ALA A 46 -41.47 -1.11 36.75
CA ALA A 46 -42.64 -0.25 36.89
C ALA A 46 -42.56 0.69 38.11
N ASP A 47 -41.88 0.25 39.16
CA ASP A 47 -41.64 1.08 40.36
C ASP A 47 -40.50 2.09 40.15
N GLU A 48 -39.35 1.60 39.66
CA GLU A 48 -38.17 2.47 39.49
C GLU A 48 -38.30 3.46 38.32
N TYR A 49 -39.01 3.08 37.26
CA TYR A 49 -39.27 3.97 36.11
C TYR A 49 -40.68 4.62 36.14
N GLN A 50 -41.31 4.69 37.33
CA GLN A 50 -42.55 5.43 37.56
C GLN A 50 -42.38 6.89 37.10
N GLY A 51 -43.32 7.37 36.29
CA GLY A 51 -43.26 8.73 35.73
C GLY A 51 -42.54 8.82 34.40
N LYS A 52 -41.34 8.22 34.30
CA LYS A 52 -40.54 8.22 33.07
C LYS A 52 -41.20 7.42 31.94
N LEU A 53 -41.81 6.29 32.30
CA LEU A 53 -42.63 5.49 31.37
C LEU A 53 -43.69 4.69 32.10
N THR A 54 -44.55 4.02 31.33
CA THR A 54 -45.63 3.16 31.87
C THR A 54 -45.51 1.77 31.25
N VAL A 55 -45.50 0.75 32.10
CA VAL A 55 -45.34 -0.63 31.63
C VAL A 55 -46.73 -1.22 31.37
N ALA A 56 -46.87 -1.94 30.26
CA ALA A 56 -48.12 -2.62 29.90
C ALA A 56 -47.84 -4.05 29.46
N LYS A 57 -48.76 -4.95 29.77
CA LYS A 57 -48.66 -6.37 29.43
C LYS A 57 -49.91 -6.81 28.65
N LEU A 58 -49.71 -7.62 27.61
CA LEU A 58 -50.78 -8.11 26.77
C LEU A 58 -50.58 -9.60 26.51
N ASN A 59 -51.54 -10.41 26.95
CA ASN A 59 -51.48 -11.87 26.78
C ASN A 59 -51.92 -12.24 25.36
N ILE A 60 -51.03 -12.90 24.60
CA ILE A 60 -51.32 -13.23 23.18
C ILE A 60 -52.38 -14.34 23.03
N ASP A 61 -52.45 -15.26 24.00
CA ASP A 61 -53.50 -16.30 24.04
C ASP A 61 -54.88 -15.70 24.31
N GLN A 62 -54.95 -14.71 25.21
CA GLN A 62 -56.21 -14.01 25.52
C GLN A 62 -56.64 -13.06 24.39
N ASN A 63 -55.69 -12.27 23.89
CA ASN A 63 -55.95 -11.23 22.87
C ASN A 63 -55.07 -11.43 21.63
N PRO A 64 -55.46 -12.36 20.74
CA PRO A 64 -54.62 -12.64 19.57
C PRO A 64 -54.65 -11.59 18.46
N GLY A 65 -55.64 -10.68 18.48
CA GLY A 65 -55.84 -9.72 17.39
C GLY A 65 -54.78 -8.64 17.22
N THR A 66 -54.15 -8.23 18.33
CA THR A 66 -53.20 -7.10 18.32
C THR A 66 -51.82 -7.44 17.71
N ALA A 67 -51.36 -8.69 17.90
CA ALA A 67 -49.99 -9.09 17.56
C ALA A 67 -49.64 -9.13 16.06
N PRO A 68 -50.55 -9.65 15.19
CA PRO A 68 -50.29 -9.62 13.75
C PRO A 68 -50.09 -8.22 13.13
N LYS A 69 -50.76 -7.21 13.70
CA LYS A 69 -50.71 -5.84 13.17
C LYS A 69 -49.30 -5.23 13.14
N TYR A 70 -48.50 -5.51 14.18
CA TYR A 70 -47.13 -5.00 14.29
C TYR A 70 -46.06 -6.03 13.89
N GLY A 71 -46.49 -7.27 13.57
CA GLY A 71 -45.59 -8.30 13.08
C GLY A 71 -44.71 -8.88 14.18
N ILE A 72 -45.34 -9.39 15.24
CA ILE A 72 -44.63 -10.07 16.32
C ILE A 72 -44.31 -11.50 15.88
N ARG A 73 -43.03 -11.86 15.89
CA ARG A 73 -42.58 -13.19 15.50
C ARG A 73 -42.38 -14.06 16.75
N GLY A 74 -41.43 -13.67 17.61
CA GLY A 74 -41.09 -14.40 18.84
C GLY A 74 -41.59 -13.68 20.08
N ILE A 75 -41.53 -14.38 21.22
CA ILE A 75 -41.97 -13.82 22.53
C ILE A 75 -40.98 -14.17 23.65
N PRO A 76 -40.76 -13.23 24.61
CA PRO A 76 -41.39 -11.91 24.74
C PRO A 76 -40.75 -10.85 23.85
N THR A 77 -41.56 -9.98 23.28
CA THR A 77 -41.09 -8.89 22.43
C THR A 77 -41.60 -7.55 22.96
N LEU A 78 -40.66 -6.69 23.33
CA LEU A 78 -40.95 -5.44 24.05
C LEU A 78 -40.92 -4.24 23.09
N LEU A 79 -42.10 -3.70 22.76
CA LEU A 79 -42.20 -2.51 21.92
C LEU A 79 -42.39 -1.27 22.79
N LEU A 80 -41.47 -0.31 22.66
CA LEU A 80 -41.62 1.00 23.32
C LEU A 80 -42.44 1.90 22.40
N PHE A 81 -43.42 2.58 22.98
CA PHE A 81 -44.34 3.47 22.25
C PHE A 81 -44.17 4.91 22.72
N LYS A 82 -44.16 5.85 21.77
CA LYS A 82 -44.02 7.29 22.05
C LYS A 82 -44.96 8.10 21.15
N ASN A 83 -46.06 8.59 21.74
CA ASN A 83 -47.12 9.35 21.04
C ASN A 83 -47.83 8.52 19.94
N GLY A 84 -48.11 7.25 20.24
CA GLY A 84 -48.74 6.32 19.30
C GLY A 84 -47.83 5.84 18.17
N GLU A 85 -46.52 5.79 18.41
CA GLU A 85 -45.52 5.43 17.38
C GLU A 85 -44.45 4.54 18.00
N VAL A 86 -43.99 3.53 17.25
CA VAL A 86 -42.97 2.59 17.74
C VAL A 86 -41.57 3.18 17.53
N ALA A 87 -40.90 3.58 18.62
CA ALA A 87 -39.56 4.15 18.57
C ALA A 87 -38.44 3.12 18.77
N ALA A 88 -38.76 1.96 19.34
CA ALA A 88 -37.76 0.89 19.59
C ALA A 88 -38.39 -0.50 19.74
N THR A 89 -37.53 -1.52 19.66
CA THR A 89 -37.94 -2.93 19.78
C THR A 89 -36.81 -3.78 20.39
N LYS A 90 -37.19 -4.69 21.30
CA LYS A 90 -36.30 -5.79 21.76
C LYS A 90 -37.09 -7.09 21.67
N VAL A 91 -36.37 -8.21 21.51
CA VAL A 91 -36.97 -9.54 21.40
C VAL A 91 -36.18 -10.54 22.26
N GLY A 92 -36.90 -11.46 22.89
CA GLY A 92 -36.32 -12.44 23.80
C GLY A 92 -36.21 -11.94 25.23
N ALA A 93 -35.66 -12.79 26.11
CA ALA A 93 -35.53 -12.48 27.53
C ALA A 93 -34.23 -11.72 27.82
N LEU A 94 -34.33 -10.73 28.70
CA LEU A 94 -33.18 -9.94 29.16
C LEU A 94 -33.15 -9.95 30.68
N SER A 95 -32.01 -9.54 31.26
CA SER A 95 -31.89 -9.28 32.69
C SER A 95 -32.18 -7.79 32.97
N LYS A 96 -32.32 -7.44 34.25
CA LYS A 96 -32.64 -6.06 34.64
C LYS A 96 -31.56 -5.07 34.21
N GLY A 97 -30.29 -5.44 34.42
CA GLY A 97 -29.15 -4.59 34.04
C GLY A 97 -29.02 -4.31 32.55
N GLN A 98 -29.30 -5.33 31.73
CA GLN A 98 -29.32 -5.19 30.27
C GLN A 98 -30.51 -4.33 29.82
N LEU A 99 -31.67 -4.59 30.41
CA LEU A 99 -32.93 -3.93 30.05
C LEU A 99 -32.95 -2.44 30.43
N LYS A 100 -32.42 -2.11 31.62
CA LYS A 100 -32.28 -0.71 32.04
C LYS A 100 -31.47 0.11 31.03
N GLU A 101 -30.37 -0.46 30.55
CA GLU A 101 -29.50 0.22 29.56
C GLU A 101 -30.18 0.42 28.20
N PHE A 102 -31.07 -0.49 27.81
CA PHE A 102 -31.91 -0.27 26.64
C PHE A 102 -32.90 0.87 26.87
N LEU A 103 -33.54 0.87 28.04
CA LEU A 103 -34.55 1.90 28.37
C LEU A 103 -33.95 3.29 28.62
N ASP A 104 -32.88 3.38 29.42
CA ASP A 104 -32.20 4.67 29.68
C ASP A 104 -31.78 5.40 28.41
N ALA A 105 -31.27 4.65 27.42
CA ALA A 105 -30.83 5.20 26.15
C ALA A 105 -31.95 5.70 25.23
N ASN A 106 -33.11 5.02 25.28
CA ASN A 106 -34.29 5.41 24.48
C ASN A 106 -35.18 6.49 25.11
N LEU A 107 -35.02 6.76 26.40
CA LEU A 107 -35.76 7.84 27.08
C LEU A 107 -35.03 9.21 27.02
N ALA A 108 -34.64 9.64 25.80
CA ALA A 108 -34.06 10.97 25.55
C ALA A 108 -34.88 11.73 24.50
N ALA B 2 -29.53 9.35 25.59
CA ALA B 2 -28.41 8.74 24.83
C ALA B 2 -28.33 9.26 23.39
N ALA B 3 -29.47 9.38 22.72
CA ALA B 3 -29.52 9.98 21.37
C ALA B 3 -29.03 11.46 21.34
N LYS B 4 -29.27 12.19 22.43
CA LYS B 4 -28.73 13.54 22.63
C LYS B 4 -27.25 13.56 23.05
N VAL B 5 -26.82 12.53 23.79
CA VAL B 5 -25.41 12.32 24.14
C VAL B 5 -24.52 12.08 22.92
N MET B 6 -25.00 11.30 21.95
CA MET B 6 -24.31 11.09 20.68
C MET B 6 -24.00 12.39 19.92
N SER B 7 -24.94 13.33 19.89
CA SER B 7 -24.75 14.61 19.17
C SER B 7 -23.79 15.56 19.88
N LEU B 8 -23.84 15.59 21.21
CA LEU B 8 -22.87 16.34 22.02
C LEU B 8 -21.45 15.80 21.81
N LEU B 9 -21.33 14.48 21.77
CA LEU B 9 -20.06 13.79 21.63
C LEU B 9 -19.38 14.07 20.28
N MET B 10 -20.16 14.31 19.23
CA MET B 10 -19.64 14.74 17.93
C MET B 10 -19.02 16.13 18.00
N ALA B 11 -19.68 17.03 18.73
CA ALA B 11 -19.23 18.42 18.85
C ALA B 11 -17.84 18.55 19.47
N LEU B 12 -17.60 17.83 20.58
CA LEU B 12 -16.28 17.86 21.23
C LEU B 12 -15.20 17.24 20.34
N VAL B 13 -15.56 16.19 19.58
CA VAL B 13 -14.62 15.56 18.63
C VAL B 13 -14.13 16.58 17.63
N VAL B 14 -15.05 17.35 17.04
CA VAL B 14 -14.67 18.39 16.08
C VAL B 14 -13.80 19.46 16.78
N LEU B 15 -14.17 19.82 18.01
CA LEU B 15 -13.45 20.83 18.75
C LEU B 15 -12.02 20.40 19.08
N LEU B 16 -11.88 19.18 19.58
CA LEU B 16 -10.55 18.63 19.86
C LEU B 16 -9.66 18.55 18.61
N ILE B 17 -10.21 18.11 17.49
CA ILE B 17 -9.43 17.96 16.25
C ILE B 17 -8.93 19.32 15.74
N VAL B 18 -9.85 20.29 15.61
CA VAL B 18 -9.50 21.60 15.08
C VAL B 18 -8.59 22.32 16.07
N ALA B 19 -9.00 22.38 17.34
CA ALA B 19 -8.20 23.06 18.35
C ALA B 19 -6.78 22.51 18.36
N GLY B 20 -6.67 21.21 18.62
CA GLY B 20 -5.38 20.54 18.73
C GLY B 20 -4.48 20.77 17.54
N ASN B 21 -5.00 20.52 16.34
CA ASN B 21 -4.18 20.61 15.13
C ASN B 21 -3.83 22.04 14.74
N VAL B 22 -4.78 22.97 14.89
CA VAL B 22 -4.48 24.38 14.65
C VAL B 22 -3.32 24.82 15.53
N LEU B 23 -3.39 24.41 16.79
CA LEU B 23 -2.39 24.77 17.80
C LEU B 23 -0.99 24.24 17.46
N VAL B 24 -0.94 23.02 16.93
CA VAL B 24 0.30 22.37 16.50
C VAL B 24 0.93 23.08 15.31
N ILE B 25 0.11 23.34 14.28
CA ILE B 25 0.59 23.96 13.04
C ILE B 25 1.12 25.36 13.34
N ALA B 26 0.39 26.08 14.19
CA ALA B 26 0.81 27.41 14.67
C ALA B 26 2.15 27.35 15.37
N ALA B 27 2.26 26.40 16.30
CA ALA B 27 3.46 26.21 17.10
C ALA B 27 4.68 25.94 16.23
N ILE B 28 4.53 25.07 15.23
CA ILE B 28 5.64 24.74 14.31
C ILE B 28 5.99 25.93 13.40
N GLY B 29 4.97 26.61 12.87
CA GLY B 29 5.19 27.75 11.98
C GLY B 29 5.84 28.96 12.65
N SER B 30 5.38 29.25 13.87
CA SER B 30 5.79 30.45 14.60
C SER B 30 7.16 30.36 15.30
N THR B 31 7.64 29.14 15.58
CA THR B 31 8.89 28.94 16.34
C THR B 31 10.01 28.39 15.45
N GLN B 32 11.19 29.02 15.51
CA GLN B 32 12.34 28.63 14.69
C GLN B 32 12.90 27.29 15.13
N ARG B 33 12.88 27.07 16.44
CA ARG B 33 13.37 25.81 17.05
C ARG B 33 12.54 24.57 16.67
N LEU B 34 11.23 24.72 16.48
CA LEU B 34 10.38 23.58 16.15
C LEU B 34 10.47 23.10 14.69
N GLN B 35 11.16 23.84 13.82
CA GLN B 35 11.17 23.53 12.38
C GLN B 35 12.19 22.45 12.00
N THR B 36 12.09 21.29 12.65
CA THR B 36 12.95 20.15 12.35
C THR B 36 12.29 19.28 11.28
N LEU B 37 13.04 18.29 10.79
CA LEU B 37 12.57 17.41 9.73
C LEU B 37 11.42 16.51 10.18
N THR B 38 11.53 15.94 11.39
CA THR B 38 10.43 15.18 12.01
C THR B 38 9.14 15.99 12.11
N ASN B 39 9.26 17.26 12.53
CA ASN B 39 8.11 18.17 12.60
C ASN B 39 7.58 18.60 11.25
N LEU B 40 8.38 18.46 10.19
CA LEU B 40 7.89 18.63 8.82
C LEU B 40 6.85 17.54 8.45
N PHE B 41 7.16 16.27 8.77
CA PHE B 41 6.18 15.18 8.65
C PHE B 41 5.00 15.35 9.62
N ILE B 42 5.24 15.91 10.81
CA ILE B 42 4.14 16.23 11.74
C ILE B 42 3.21 17.29 11.16
N THR B 43 3.78 18.24 10.41
CA THR B 43 2.99 19.29 9.77
C THR B 43 2.07 18.71 8.69
N SER B 44 2.58 17.78 7.88
CA SER B 44 1.75 17.02 6.92
C SER B 44 0.60 16.36 7.66
N LEU B 45 0.93 15.60 8.71
CA LEU B 45 -0.07 14.92 9.52
C LEU B 45 -1.11 15.88 10.07
N ALA B 46 -0.66 17.00 10.61
CA ALA B 46 -1.59 17.95 11.23
C ALA B 46 -2.51 18.63 10.24
N CYS B 47 -2.03 18.85 9.01
CA CYS B 47 -2.88 19.37 7.94
C CYS B 47 -4.02 18.42 7.63
N ALA B 48 -3.69 17.16 7.39
CA ALA B 48 -4.68 16.15 7.07
C ALA B 48 -5.74 16.08 8.16
N ASP B 49 -5.30 15.90 9.41
CA ASP B 49 -6.20 15.80 10.54
C ASP B 49 -7.10 17.02 10.68
N LEU B 50 -6.55 18.21 10.43
CA LEU B 50 -7.30 19.46 10.48
C LEU B 50 -8.42 19.51 9.43
N VAL B 51 -8.12 19.09 8.20
CA VAL B 51 -9.13 19.04 7.14
C VAL B 51 -10.23 18.05 7.50
N VAL B 52 -9.89 16.99 8.23
CA VAL B 52 -10.88 16.05 8.75
C VAL B 52 -11.83 16.78 9.69
N GLY B 53 -11.27 17.51 10.66
CA GLY B 53 -12.07 18.25 11.63
C GLY B 53 -12.93 19.37 11.03
N LEU B 54 -12.38 20.10 10.07
CA LEU B 54 -13.07 21.24 9.47
C LEU B 54 -14.17 20.86 8.49
N LEU B 55 -13.93 19.84 7.68
CA LEU B 55 -14.85 19.51 6.57
C LEU B 55 -15.47 18.13 6.71
N VAL B 56 -14.64 17.11 6.88
CA VAL B 56 -15.11 15.72 6.84
C VAL B 56 -16.06 15.39 8.00
N VAL B 57 -15.65 15.67 9.23
CA VAL B 57 -16.44 15.27 10.41
C VAL B 57 -17.78 16.04 10.53
N PRO B 58 -17.80 17.36 10.25
CA PRO B 58 -19.07 18.11 10.25
C PRO B 58 -20.15 17.53 9.34
N PHE B 59 -19.81 17.36 8.06
CA PHE B 59 -20.72 16.77 7.07
C PHE B 59 -21.10 15.35 7.48
N GLY B 60 -20.13 14.58 7.99
CA GLY B 60 -20.40 13.26 8.54
C GLY B 60 -21.36 13.28 9.71
N ALA B 61 -21.22 14.29 10.57
CA ALA B 61 -22.10 14.46 11.75
C ALA B 61 -23.56 14.64 11.36
N THR B 62 -23.79 15.44 10.32
CA THR B 62 -25.14 15.77 9.86
C THR B 62 -25.83 14.60 9.17
N LEU B 63 -25.05 13.72 8.53
CA LEU B 63 -25.59 12.46 7.99
C LEU B 63 -26.12 11.53 9.10
N VAL B 64 -25.57 11.63 10.31
CA VAL B 64 -26.06 10.88 11.47
C VAL B 64 -27.24 11.60 12.13
N VAL B 65 -27.16 12.93 12.26
CA VAL B 65 -28.21 13.73 12.89
C VAL B 65 -29.53 13.62 12.11
N ARG B 66 -29.48 14.01 10.84
CA ARG B 66 -30.66 14.05 9.97
C ARG B 66 -31.08 12.72 9.34
N GLY B 67 -30.23 11.70 9.45
CA GLY B 67 -30.48 10.42 8.78
C GLY B 67 -30.40 10.43 7.25
N THR B 68 -29.90 11.51 6.65
CA THR B 68 -29.88 11.66 5.19
C THR B 68 -28.95 12.77 4.69
N TRP B 69 -28.52 12.64 3.43
CA TRP B 69 -27.62 13.61 2.80
C TRP B 69 -28.40 14.79 2.25
N LEU B 70 -28.09 15.98 2.78
CA LEU B 70 -28.83 17.19 2.43
C LEU B 70 -28.18 18.03 1.32
N TRP B 71 -27.00 17.63 0.84
CA TRP B 71 -26.22 18.45 -0.10
C TRP B 71 -25.98 17.83 -1.48
N GLY B 72 -26.73 16.78 -1.82
CA GLY B 72 -26.79 16.27 -3.20
C GLY B 72 -25.69 15.30 -3.59
N SER B 73 -25.86 14.72 -4.77
CA SER B 73 -25.01 13.63 -5.25
C SER B 73 -23.55 14.05 -5.48
N PHE B 74 -23.33 15.25 -6.02
CA PHE B 74 -21.96 15.72 -6.30
C PHE B 74 -21.15 15.93 -5.03
N LEU B 75 -21.75 16.57 -4.03
CA LEU B 75 -21.08 16.78 -2.75
C LEU B 75 -21.00 15.53 -1.90
N CYS B 76 -21.81 14.51 -2.16
CA CYS B 76 -21.60 13.19 -1.55
C CYS B 76 -20.32 12.57 -2.13
N GLU B 77 -20.15 12.65 -3.44
CA GLU B 77 -18.94 12.11 -4.10
C GLU B 77 -17.67 12.90 -3.72
N LEU B 78 -17.77 14.22 -3.72
CA LEU B 78 -16.65 15.07 -3.35
C LEU B 78 -16.27 14.87 -1.87
N TRP B 79 -17.26 14.82 -0.99
CA TRP B 79 -17.02 14.58 0.43
C TRP B 79 -16.45 13.21 0.74
N THR B 80 -16.95 12.18 0.05
CA THR B 80 -16.40 10.83 0.20
C THR B 80 -14.92 10.82 -0.22
N SER B 81 -14.61 11.46 -1.34
CA SER B 81 -13.23 11.58 -1.80
C SER B 81 -12.34 12.32 -0.81
N LEU B 82 -12.85 13.43 -0.27
CA LEU B 82 -12.09 14.21 0.72
C LEU B 82 -11.82 13.41 2.01
N ASP B 83 -12.79 12.60 2.43
CA ASP B 83 -12.64 11.73 3.59
C ASP B 83 -11.49 10.79 3.37
N VAL B 84 -11.55 10.03 2.28
CA VAL B 84 -10.54 9.03 1.97
C VAL B 84 -9.16 9.66 1.78
N LEU B 85 -9.09 10.82 1.10
CA LEU B 85 -7.85 11.56 0.94
C LEU B 85 -7.17 11.83 2.26
N CYS B 86 -7.90 12.47 3.16
CA CYS B 86 -7.32 12.88 4.45
C CYS B 86 -6.99 11.72 5.39
N VAL B 87 -7.82 10.68 5.39
CA VAL B 87 -7.52 9.50 6.19
C VAL B 87 -6.32 8.76 5.62
N THR B 88 -6.26 8.61 4.29
CA THR B 88 -5.09 7.99 3.65
C THR B 88 -3.81 8.76 3.98
N ALA B 89 -3.81 10.08 3.76
CA ALA B 89 -2.64 10.93 4.04
C ALA B 89 -2.23 10.88 5.51
N SER B 90 -3.20 10.89 6.40
CA SER B 90 -2.91 10.85 7.83
C SER B 90 -2.18 9.56 8.23
N ILE B 91 -2.78 8.43 7.88
CA ILE B 91 -2.27 7.13 8.33
C ILE B 91 -0.93 6.80 7.63
N GLU B 92 -0.82 7.10 6.32
CA GLU B 92 0.45 6.96 5.62
C GLU B 92 1.55 7.86 6.24
N THR B 93 1.19 9.07 6.66
CA THR B 93 2.14 9.98 7.32
C THR B 93 2.60 9.44 8.70
N LEU B 94 1.73 8.75 9.43
CA LEU B 94 2.15 8.05 10.66
C LEU B 94 3.23 7.02 10.42
N CYS B 95 3.11 6.33 9.29
CA CYS B 95 4.09 5.37 8.83
C CYS B 95 5.43 6.01 8.42
N VAL B 96 5.36 7.15 7.75
CA VAL B 96 6.57 7.87 7.38
C VAL B 96 7.30 8.39 8.61
N ILE B 97 6.55 8.87 9.60
CA ILE B 97 7.11 9.31 10.91
C ILE B 97 7.83 8.17 11.61
N ALA B 98 7.21 6.99 11.70
CA ALA B 98 7.87 5.82 12.31
C ALA B 98 9.22 5.52 11.68
N ILE B 99 9.30 5.61 10.35
CA ILE B 99 10.56 5.45 9.62
C ILE B 99 11.54 6.59 9.92
N ASP B 100 11.04 7.83 9.97
CA ASP B 100 11.90 8.97 10.31
C ASP B 100 12.58 8.76 11.66
N ARG B 101 11.76 8.42 12.67
CA ARG B 101 12.27 8.18 14.01
C ARG B 101 13.17 6.95 14.07
N TYR B 102 12.88 5.94 13.27
CA TYR B 102 13.78 4.79 13.17
C TYR B 102 15.18 5.17 12.72
N LEU B 103 15.29 5.94 11.63
CA LEU B 103 16.59 6.37 11.13
C LEU B 103 17.31 7.28 12.10
N ALA B 104 16.59 8.25 12.66
CA ALA B 104 17.19 9.19 13.61
C ALA B 104 17.65 8.55 14.91
N ILE B 105 17.01 7.45 15.33
CA ILE B 105 17.38 6.74 16.56
C ILE B 105 18.50 5.74 16.33
N THR B 106 18.32 4.83 15.37
CA THR B 106 19.30 3.76 15.15
C THR B 106 20.56 4.22 14.43
N SER B 107 20.41 5.12 13.45
CA SER B 107 21.52 5.51 12.57
C SER B 107 21.57 7.02 12.39
N PRO B 108 21.82 7.77 13.48
CA PRO B 108 21.63 9.22 13.47
C PRO B 108 22.57 9.98 12.53
N PHE B 109 23.80 9.49 12.36
CA PHE B 109 24.77 10.18 11.51
C PHE B 109 24.46 9.91 10.03
N ARG B 110 24.03 8.68 9.75
CA ARG B 110 23.54 8.33 8.42
C ARG B 110 22.32 9.18 8.07
N TYR B 111 21.35 9.20 8.97
CA TYR B 111 20.09 9.95 8.80
C TYR B 111 20.25 11.42 8.37
N GLN B 112 21.25 12.12 8.89
CA GLN B 112 21.45 13.55 8.57
C GLN B 112 21.78 13.83 7.11
N SER B 113 22.70 13.05 6.54
CA SER B 113 23.04 13.17 5.12
C SER B 113 21.98 12.52 4.23
N LEU B 114 21.40 11.40 4.68
CA LEU B 114 20.38 10.66 3.93
C LEU B 114 19.07 11.45 3.79
N MET B 115 18.49 11.86 4.92
CA MET B 115 17.19 12.55 4.92
C MET B 115 17.38 14.08 4.87
N THR B 116 17.42 14.64 3.68
CA THR B 116 17.50 16.09 3.48
C THR B 116 16.10 16.71 3.53
N ARG B 117 16.04 18.04 3.54
CA ARG B 117 14.75 18.75 3.54
C ARG B 117 14.00 18.48 2.24
N ALA B 118 14.71 18.56 1.11
CA ALA B 118 14.14 18.27 -0.20
C ALA B 118 13.60 16.84 -0.30
N ARG B 119 14.34 15.87 0.23
CA ARG B 119 13.89 14.48 0.22
C ARG B 119 12.61 14.30 1.06
N ALA B 120 12.55 14.95 2.22
CA ALA B 120 11.35 14.93 3.05
C ALA B 120 10.12 15.50 2.33
N LYS B 121 10.30 16.60 1.60
CA LYS B 121 9.22 17.20 0.79
C LYS B 121 8.73 16.23 -0.27
N VAL B 122 9.65 15.57 -0.97
CA VAL B 122 9.25 14.60 -2.00
C VAL B 122 8.42 13.48 -1.38
N ILE B 123 8.88 12.97 -0.23
CA ILE B 123 8.13 11.93 0.49
C ILE B 123 6.71 12.44 0.83
N ILE B 124 6.62 13.66 1.37
CA ILE B 124 5.33 14.22 1.75
C ILE B 124 4.43 14.37 0.53
N CYS B 125 4.97 14.93 -0.55
CA CYS B 125 4.22 15.07 -1.81
C CYS B 125 3.67 13.76 -2.32
N THR B 126 4.51 12.72 -2.25
CA THR B 126 4.11 11.37 -2.64
C THR B 126 2.97 10.80 -1.77
N VAL B 127 3.03 11.01 -0.46
CA VAL B 127 1.98 10.54 0.44
C VAL B 127 0.64 11.16 0.04
N TRP B 128 0.64 12.46 -0.23
CA TRP B 128 -0.59 13.15 -0.66
C TRP B 128 -1.01 12.76 -2.07
N ALA B 129 -0.07 12.61 -3.00
CA ALA B 129 -0.39 12.17 -4.35
C ALA B 129 -1.06 10.81 -4.38
N ILE B 130 -0.56 9.87 -3.58
CA ILE B 130 -1.17 8.53 -3.45
C ILE B 130 -2.56 8.63 -2.79
N SER B 131 -2.69 9.47 -1.77
CA SER B 131 -3.99 9.72 -1.15
C SER B 131 -5.01 10.22 -2.17
N ALA B 132 -4.60 11.13 -3.05
CA ALA B 132 -5.46 11.66 -4.12
C ALA B 132 -5.87 10.58 -5.11
N LEU B 133 -4.91 9.80 -5.56
CA LEU B 133 -5.17 8.77 -6.56
C LEU B 133 -5.93 7.57 -6.01
N VAL B 134 -6.02 7.40 -4.69
CA VAL B 134 -6.89 6.37 -4.10
C VAL B 134 -8.29 6.94 -3.84
N SER B 135 -8.39 8.23 -3.60
CA SER B 135 -9.64 8.86 -3.19
C SER B 135 -10.37 9.52 -4.36
N PHE B 136 -9.81 10.62 -4.87
CA PHE B 136 -10.51 11.44 -5.86
C PHE B 136 -10.59 10.77 -7.22
N LEU B 137 -9.50 10.15 -7.68
CA LEU B 137 -9.51 9.50 -8.99
C LEU B 137 -10.55 8.38 -9.12
N PRO B 138 -10.59 7.40 -8.19
CA PRO B 138 -11.60 6.34 -8.32
C PRO B 138 -13.03 6.76 -8.00
N ILE B 139 -13.21 7.61 -7.00
CA ILE B 139 -14.55 7.95 -6.51
C ILE B 139 -15.27 8.89 -7.47
N MET B 140 -14.58 9.94 -7.91
CA MET B 140 -15.16 10.86 -8.90
C MET B 140 -15.42 10.15 -10.23
N MET B 141 -14.48 9.31 -10.68
CA MET B 141 -14.64 8.61 -11.98
C MET B 141 -15.53 7.37 -11.90
N HIS B 142 -16.15 7.11 -10.75
CA HIS B 142 -17.11 5.99 -10.57
C HIS B 142 -16.47 4.60 -10.65
N TRP B 143 -15.17 4.48 -10.40
CA TRP B 143 -14.52 3.17 -10.40
C TRP B 143 -14.84 2.41 -9.11
N TRP B 144 -15.08 3.16 -8.04
CA TRP B 144 -15.53 2.58 -6.77
C TRP B 144 -16.95 1.95 -6.82
N ARG B 145 -17.73 2.29 -7.85
CA ARG B 145 -19.14 1.87 -7.98
C ARG B 145 -19.35 0.36 -8.11
N ASP B 146 -20.30 -0.17 -7.34
CA ASP B 146 -20.74 -1.56 -7.45
C ASP B 146 -21.88 -1.70 -8.47
N GLU B 147 -21.96 -2.86 -9.12
CA GLU B 147 -23.03 -3.17 -10.09
C GLU B 147 -24.35 -3.62 -9.45
N ASP B 148 -24.29 -4.10 -8.20
CA ASP B 148 -25.46 -4.55 -7.42
C ASP B 148 -26.65 -3.56 -7.51
N PRO B 149 -27.91 -4.07 -7.58
CA PRO B 149 -29.05 -3.15 -7.72
C PRO B 149 -29.32 -2.27 -6.49
N GLN B 150 -29.26 -2.85 -5.30
CA GLN B 150 -29.52 -2.12 -4.05
C GLN B 150 -28.42 -1.10 -3.72
N ALA B 151 -27.19 -1.40 -4.14
CA ALA B 151 -26.09 -0.44 -4.14
C ALA B 151 -26.35 0.69 -5.13
N LEU B 152 -26.75 0.30 -6.35
CA LEU B 152 -27.07 1.24 -7.43
C LEU B 152 -28.29 2.13 -7.11
N LYS B 153 -29.13 1.70 -6.16
CA LYS B 153 -30.18 2.57 -5.59
C LYS B 153 -29.61 3.77 -4.81
N CYS B 154 -28.55 3.56 -4.04
CA CYS B 154 -27.91 4.63 -3.27
C CYS B 154 -27.11 5.62 -4.12
N TYR B 155 -26.62 5.17 -5.27
CA TYR B 155 -25.96 6.07 -6.22
C TYR B 155 -26.97 6.95 -6.96
N GLN B 156 -28.11 6.37 -7.33
CA GLN B 156 -29.21 7.11 -7.97
C GLN B 156 -29.89 8.13 -7.04
N ASP B 157 -30.10 7.73 -5.78
CA ASP B 157 -30.71 8.60 -4.74
C ASP B 157 -29.71 9.67 -4.26
N PRO B 158 -30.04 10.97 -4.46
CA PRO B 158 -29.17 12.03 -3.89
C PRO B 158 -29.21 12.10 -2.36
N GLY B 159 -30.35 11.74 -1.77
CA GLY B 159 -30.49 11.68 -0.32
C GLY B 159 -29.66 10.62 0.36
N CYS B 160 -29.31 9.55 -0.37
CA CYS B 160 -28.46 8.47 0.16
C CYS B 160 -26.99 8.78 -0.11
N CYS B 161 -26.18 8.68 0.95
CA CYS B 161 -24.73 8.85 0.87
C CYS B 161 -24.04 7.81 1.76
N ASP B 162 -24.45 6.56 1.60
CA ASP B 162 -23.75 5.42 2.21
C ASP B 162 -22.45 5.19 1.44
N PHE B 163 -21.55 4.48 2.10
CA PHE B 163 -20.28 4.08 1.52
C PHE B 163 -20.43 2.64 1.02
N VAL B 164 -20.63 2.52 -0.28
CA VAL B 164 -20.79 1.22 -0.92
C VAL B 164 -19.77 1.14 -2.05
N THR B 165 -18.97 0.09 -2.04
CA THR B 165 -17.87 -0.08 -2.96
C THR B 165 -17.91 -1.48 -3.55
N ASN B 166 -17.32 -1.64 -4.73
CA ASN B 166 -17.02 -2.97 -5.25
C ASN B 166 -16.00 -3.70 -4.36
N ARG B 167 -15.72 -4.95 -4.68
CA ARG B 167 -14.73 -5.72 -3.95
C ARG B 167 -13.35 -5.10 -4.09
N ALA B 168 -12.97 -4.85 -5.34
CA ALA B 168 -11.62 -4.37 -5.67
C ALA B 168 -11.25 -3.13 -4.88
N TYR B 169 -12.10 -2.11 -4.94
CA TYR B 169 -11.81 -0.83 -4.30
C TYR B 169 -11.75 -0.95 -2.79
N ALA B 170 -12.66 -1.70 -2.19
CA ALA B 170 -12.66 -1.83 -0.74
C ALA B 170 -11.39 -2.49 -0.21
N ILE B 171 -10.88 -3.46 -0.96
CA ILE B 171 -9.66 -4.14 -0.59
C ILE B 171 -8.52 -3.17 -0.79
N ALA B 172 -8.30 -2.77 -2.05
CA ALA B 172 -7.16 -1.90 -2.43
C ALA B 172 -7.04 -0.62 -1.63
N SER B 173 -8.14 0.09 -1.46
CA SER B 173 -8.16 1.31 -0.66
C SER B 173 -7.78 1.03 0.80
N SER B 174 -8.37 -0.03 1.38
CA SER B 174 -8.08 -0.39 2.77
C SER B 174 -6.61 -0.76 2.99
N ILE B 175 -6.06 -1.53 2.05
CA ILE B 175 -4.62 -1.86 2.07
C ILE B 175 -3.75 -0.61 2.02
N ILE B 176 -3.93 0.21 0.99
CA ILE B 176 -3.14 1.43 0.81
C ILE B 176 -3.33 2.45 1.95
N SER B 177 -4.56 2.62 2.40
CA SER B 177 -4.82 3.56 3.49
C SER B 177 -4.41 3.05 4.87
N PHE B 178 -4.45 1.74 5.11
CA PHE B 178 -4.29 1.21 6.48
C PHE B 178 -3.28 0.07 6.66
N TYR B 179 -3.41 -1.01 5.88
CA TYR B 179 -2.64 -2.24 6.14
C TYR B 179 -1.15 -2.17 5.76
N ILE B 180 -0.80 -1.67 4.58
CA ILE B 180 0.61 -1.41 4.27
C ILE B 180 1.22 -0.48 5.34
N PRO B 181 0.59 0.68 5.64
CA PRO B 181 1.10 1.53 6.74
C PRO B 181 1.26 0.80 8.07
N LEU B 182 0.26 0.02 8.48
CA LEU B 182 0.33 -0.68 9.76
C LEU B 182 1.50 -1.66 9.80
N LEU B 183 1.61 -2.53 8.80
CA LEU B 183 2.71 -3.50 8.78
C LEU B 183 4.08 -2.82 8.79
N ILE B 184 4.24 -1.73 8.04
CA ILE B 184 5.50 -0.99 8.08
C ILE B 184 5.76 -0.43 9.48
N MET B 185 4.74 0.11 10.13
CA MET B 185 4.89 0.60 11.51
C MET B 185 5.22 -0.49 12.51
N ILE B 186 4.69 -1.70 12.32
CA ILE B 186 4.98 -2.81 13.23
C ILE B 186 6.42 -3.29 13.03
N PHE B 187 6.79 -3.53 11.79
CA PHE B 187 8.18 -3.88 11.40
C PHE B 187 9.20 -2.83 11.89
N VAL B 188 8.91 -1.56 11.63
CA VAL B 188 9.85 -0.47 11.92
C VAL B 188 10.06 -0.30 13.42
N TYR B 189 8.96 -0.12 14.14
CA TYR B 189 9.03 0.07 15.60
C TYR B 189 9.43 -1.18 16.37
N LEU B 190 9.23 -2.36 15.77
CA LEU B 190 9.72 -3.59 16.40
C LEU B 190 11.26 -3.61 16.46
N ARG B 191 11.91 -3.11 15.41
CA ARG B 191 13.38 -2.99 15.38
C ARG B 191 13.94 -1.96 16.37
N VAL B 192 13.17 -0.94 16.73
CA VAL B 192 13.56 0.00 17.82
C VAL B 192 13.53 -0.72 19.18
N TYR B 193 12.52 -1.55 19.39
CA TYR B 193 12.51 -2.43 20.57
C TYR B 193 13.68 -3.41 20.55
N ARG B 194 13.90 -4.07 19.41
CA ARG B 194 15.02 -5.03 19.28
C ARG B 194 16.39 -4.37 19.44
N GLU B 195 16.57 -3.18 18.87
CA GLU B 195 17.81 -2.42 19.00
C GLU B 195 18.10 -2.14 20.46
N ALA B 196 17.09 -1.67 21.19
CA ALA B 196 17.22 -1.36 22.62
C ALA B 196 17.40 -2.61 23.49
N LYS B 197 16.78 -3.71 23.08
CA LYS B 197 16.94 -4.99 23.77
C LYS B 197 18.37 -5.53 23.59
N GLU B 198 18.85 -5.52 22.35
CA GLU B 198 20.20 -6.00 22.01
C GLU B 198 21.28 -5.12 22.58
N GLN B 199 21.03 -3.82 22.72
CA GLN B 199 21.98 -2.91 23.35
C GLN B 199 22.13 -3.16 24.85
N ILE B 200 21.04 -3.51 25.53
CA ILE B 200 21.10 -3.97 26.94
C ILE B 200 21.92 -5.27 27.05
N ARG B 201 21.82 -6.13 26.04
CA ARG B 201 22.62 -7.36 25.98
C ARG B 201 24.14 -7.06 25.90
N LYS B 202 24.54 -6.13 25.04
CA LYS B 202 25.95 -5.72 24.94
C LYS B 202 26.51 -5.08 26.21
N ILE B 203 25.71 -4.24 26.88
CA ILE B 203 26.10 -3.62 28.16
C ILE B 203 26.29 -4.67 29.27
N ASP B 204 25.51 -5.75 29.23
CA ASP B 204 25.69 -6.88 30.16
C ASP B 204 26.92 -7.74 29.84
N ARG B 205 27.24 -7.91 28.56
CA ARG B 205 28.47 -8.61 28.16
C ARG B 205 29.72 -7.81 28.53
N ALA B 206 29.61 -6.49 28.46
CA ALA B 206 30.68 -5.58 28.86
C ALA B 206 31.15 -5.74 30.28
N SER B 207 30.20 -6.01 31.19
CA SER B 207 30.46 -6.00 32.63
C SER B 207 31.39 -7.12 33.15
N LYS B 208 31.55 -8.21 32.39
CA LYS B 208 32.32 -9.39 32.81
C LYS B 208 31.65 -10.07 34.00
N ARG B 209 30.34 -10.31 33.86
CA ARG B 209 29.49 -10.91 34.89
C ARG B 209 29.50 -10.15 36.24
N LYS B 210 29.71 -8.83 36.19
CA LYS B 210 29.69 -8.00 37.39
C LYS B 210 28.26 -7.53 37.69
N THR B 211 27.56 -7.04 36.66
CA THR B 211 26.20 -6.50 36.81
C THR B 211 25.27 -7.04 35.72
N SER B 212 23.99 -7.15 36.07
CA SER B 212 22.93 -7.43 35.11
C SER B 212 22.04 -6.20 35.03
N ARG B 213 22.03 -5.55 33.86
CA ARG B 213 21.11 -4.43 33.58
C ARG B 213 19.66 -4.78 33.85
N VAL B 214 18.90 -3.79 34.35
CA VAL B 214 17.45 -3.92 34.54
C VAL B 214 16.78 -2.74 33.81
N MET B 215 15.50 -2.90 33.47
CA MET B 215 14.69 -1.82 32.91
C MET B 215 14.52 -0.66 33.90
N ALA B 216 15.16 0.45 33.57
CA ALA B 216 15.07 1.67 34.34
C ALA B 216 13.94 2.54 33.81
N MET B 217 13.74 3.67 34.49
CA MET B 217 12.89 4.77 34.03
C MET B 217 12.83 4.89 32.50
N LYS B 218 13.98 5.12 31.87
CA LYS B 218 14.01 5.51 30.44
C LYS B 218 13.60 4.41 29.47
N GLU B 219 13.76 3.16 29.88
CA GLU B 219 13.30 2.04 29.07
C GLU B 219 11.79 1.82 29.22
N HIS B 220 11.25 1.97 30.43
CA HIS B 220 9.79 1.84 30.65
C HIS B 220 8.97 2.98 30.02
N LYS B 221 9.51 4.19 30.00
CA LYS B 221 8.89 5.32 29.31
C LYS B 221 8.85 5.07 27.80
N ALA B 222 9.94 4.50 27.24
CA ALA B 222 10.03 4.21 25.82
C ALA B 222 9.01 3.16 25.38
N LEU B 223 8.83 2.16 26.23
CA LEU B 223 7.80 1.13 26.03
C LEU B 223 6.39 1.66 26.14
N LYS B 224 6.14 2.58 27.07
CA LYS B 224 4.82 3.21 27.21
C LYS B 224 4.49 4.06 25.99
N THR B 225 5.44 4.88 25.54
CA THR B 225 5.28 5.72 24.35
C THR B 225 5.00 4.86 23.12
N LEU B 226 5.80 3.82 22.96
CA LEU B 226 5.62 2.87 21.88
C LEU B 226 4.27 2.13 21.94
N GLY B 227 3.83 1.85 23.17
CA GLY B 227 2.51 1.24 23.39
C GLY B 227 1.37 2.17 23.04
N ILE B 228 1.51 3.45 23.36
CA ILE B 228 0.52 4.47 22.98
C ILE B 228 0.45 4.64 21.47
N ILE B 229 1.61 4.74 20.82
CA ILE B 229 1.68 4.94 19.36
C ILE B 229 0.92 3.83 18.63
N MET B 230 1.30 2.58 18.85
CA MET B 230 0.70 1.44 18.16
C MET B 230 -0.70 1.10 18.69
N GLY B 231 -0.89 1.24 20.01
CA GLY B 231 -2.17 0.93 20.63
C GLY B 231 -3.34 1.82 20.23
N VAL B 232 -3.13 3.13 20.29
CA VAL B 232 -4.16 4.13 19.97
C VAL B 232 -4.48 4.10 18.48
N PHE B 233 -3.46 4.06 17.62
CA PHE B 233 -3.66 3.99 16.16
C PHE B 233 -4.45 2.75 15.77
N THR B 234 -4.08 1.59 16.30
CA THR B 234 -4.77 0.33 15.97
C THR B 234 -6.16 0.25 16.59
N LEU B 235 -6.31 0.67 17.85
CA LEU B 235 -7.64 0.76 18.46
C LEU B 235 -8.59 1.60 17.62
N CYS B 236 -8.12 2.73 17.13
CA CYS B 236 -8.97 3.67 16.37
C CYS B 236 -9.34 3.23 14.95
N TRP B 237 -8.41 2.59 14.23
CA TRP B 237 -8.62 2.29 12.81
C TRP B 237 -8.72 0.82 12.42
N LEU B 238 -8.17 -0.11 13.20
CA LEU B 238 -8.30 -1.55 12.87
C LEU B 238 -9.77 -2.03 12.81
N PRO B 239 -10.61 -1.66 13.82
CA PRO B 239 -12.01 -2.10 13.80
C PRO B 239 -12.79 -1.72 12.54
N PHE B 240 -12.67 -0.46 12.12
CA PHE B 240 -13.33 0.02 10.89
C PHE B 240 -12.79 -0.69 9.65
N PHE B 241 -11.46 -0.72 9.52
CA PHE B 241 -10.82 -1.31 8.34
C PHE B 241 -10.88 -2.83 8.28
N LEU B 242 -11.08 -3.48 9.43
CA LEU B 242 -11.37 -4.91 9.47
C LEU B 242 -12.78 -5.14 8.88
N VAL B 243 -13.75 -4.43 9.43
CA VAL B 243 -15.15 -4.49 8.97
C VAL B 243 -15.30 -4.09 7.51
N ASN B 244 -14.57 -3.06 7.08
CA ASN B 244 -14.64 -2.57 5.69
C ASN B 244 -14.28 -3.64 4.64
N ILE B 245 -13.39 -4.55 5.00
CA ILE B 245 -13.09 -5.72 4.15
C ILE B 245 -14.17 -6.80 4.32
N VAL B 246 -14.66 -6.99 5.55
CA VAL B 246 -15.72 -7.99 5.84
C VAL B 246 -16.99 -7.70 5.02
N ASN B 247 -17.49 -6.47 5.09
CA ASN B 247 -18.71 -6.04 4.39
C ASN B 247 -18.78 -6.35 2.88
N VAL B 248 -17.64 -6.44 2.22
CA VAL B 248 -17.59 -6.79 0.80
C VAL B 248 -18.11 -8.21 0.56
N PHE B 249 -17.62 -9.14 1.37
CA PHE B 249 -17.93 -10.56 1.18
C PHE B 249 -19.32 -10.92 1.71
N ASN B 250 -19.52 -10.91 3.03
CA ASN B 250 -20.84 -11.22 3.64
C ASN B 250 -21.47 -9.92 4.14
N ARG B 251 -22.26 -9.26 3.29
CA ARG B 251 -22.68 -7.88 3.54
C ARG B 251 -23.55 -7.64 4.78
N ASP B 252 -24.51 -8.53 5.01
CA ASP B 252 -25.44 -8.38 6.15
C ASP B 252 -24.83 -8.74 7.51
N LEU B 253 -23.62 -9.32 7.52
CA LEU B 253 -22.99 -9.85 8.72
C LEU B 253 -22.77 -8.78 9.79
N VAL B 254 -22.23 -7.62 9.38
CA VAL B 254 -22.01 -6.51 10.30
C VAL B 254 -23.09 -5.45 10.08
N PRO B 255 -23.80 -5.03 11.16
CA PRO B 255 -24.81 -3.97 11.02
C PRO B 255 -24.29 -2.62 10.50
N ASP B 256 -25.20 -1.77 10.08
CA ASP B 256 -24.86 -0.46 9.54
C ASP B 256 -24.52 0.53 10.65
N TRP B 257 -25.23 0.49 11.78
CA TRP B 257 -24.92 1.37 12.93
C TRP B 257 -23.48 1.17 13.43
N LEU B 258 -23.03 -0.09 13.45
CA LEU B 258 -21.67 -0.44 13.92
C LEU B 258 -20.58 0.01 12.94
N PHE B 259 -20.86 -0.18 11.64
CA PHE B 259 -19.95 0.28 10.59
C PHE B 259 -19.73 1.78 10.66
N VAL B 260 -20.79 2.55 10.89
CA VAL B 260 -20.67 4.00 11.00
C VAL B 260 -19.95 4.36 12.29
N ALA B 261 -20.35 3.76 13.41
CA ALA B 261 -19.72 4.01 14.71
C ALA B 261 -18.21 3.72 14.69
N PHE B 262 -17.83 2.57 14.11
CA PHE B 262 -16.40 2.23 13.95
C PHE B 262 -15.63 3.24 13.09
N ASN B 263 -16.26 3.81 12.06
CA ASN B 263 -15.65 4.89 11.25
C ASN B 263 -15.42 6.14 12.08
N TRP B 264 -16.37 6.47 12.94
CA TRP B 264 -16.21 7.60 13.86
C TRP B 264 -15.09 7.41 14.89
N LEU B 265 -14.88 6.17 15.32
CA LEU B 265 -13.74 5.82 16.15
C LEU B 265 -12.41 6.19 15.45
N GLY B 266 -12.35 5.95 14.15
CA GLY B 266 -11.23 6.37 13.30
C GLY B 266 -11.03 7.88 13.18
N TYR B 267 -12.12 8.64 13.11
CA TYR B 267 -12.03 10.11 13.11
C TYR B 267 -11.46 10.65 14.43
N ALA B 268 -11.70 9.93 15.54
CA ALA B 268 -11.17 10.29 16.85
C ALA B 268 -9.63 10.26 16.92
N ASN B 269 -9.00 9.35 16.18
CA ASN B 269 -7.52 9.29 16.08
C ASN B 269 -6.93 10.63 15.67
N SER B 270 -7.58 11.33 14.74
CA SER B 270 -7.13 12.66 14.30
C SER B 270 -7.07 13.67 15.48
N ALA B 271 -7.91 13.48 16.50
CA ALA B 271 -7.82 14.24 17.76
C ALA B 271 -6.72 13.74 18.70
N MET B 272 -6.43 12.44 18.65
CA MET B 272 -5.34 11.85 19.44
C MET B 272 -3.94 12.18 18.91
N ASN B 273 -3.77 12.29 17.60
CA ASN B 273 -2.44 12.45 16.98
C ASN B 273 -1.65 13.69 17.46
N PRO B 274 -2.31 14.86 17.61
CA PRO B 274 -1.62 16.03 18.22
C PRO B 274 -1.02 15.72 19.60
N ILE B 275 -1.77 14.97 20.40
CA ILE B 275 -1.38 14.64 21.77
C ILE B 275 -0.16 13.71 21.80
N ILE B 276 -0.12 12.70 20.92
CA ILE B 276 0.94 11.70 20.96
C ILE B 276 2.25 12.27 20.40
N TYR B 277 2.17 12.84 19.20
CA TYR B 277 3.36 13.25 18.45
C TYR B 277 3.85 14.71 18.68
N CYS B 278 3.34 15.39 19.71
CA CYS B 278 3.80 16.77 20.00
C CYS B 278 3.95 17.02 21.52
N ARG B 279 4.64 16.08 22.17
CA ARG B 279 4.92 16.15 23.61
C ARG B 279 6.35 16.61 23.91
N SER B 280 7.12 17.00 22.88
CA SER B 280 8.52 17.38 23.11
C SER B 280 8.60 18.61 24.01
N PRO B 281 9.72 18.79 24.74
CA PRO B 281 9.87 19.97 25.58
C PRO B 281 9.68 21.26 24.77
N ASP B 282 10.26 21.31 23.57
CA ASP B 282 10.08 22.46 22.68
C ASP B 282 8.64 22.72 22.25
N PHE B 283 7.85 21.66 22.05
CA PHE B 283 6.40 21.80 21.80
C PHE B 283 5.68 22.37 23.04
N ARG B 284 5.96 21.80 24.21
CA ARG B 284 5.35 22.24 25.48
C ARG B 284 5.59 23.72 25.76
N LYS B 285 6.81 24.19 25.47
CA LYS B 285 7.17 25.61 25.63
C LYS B 285 6.46 26.51 24.62
N ALA B 286 6.43 26.10 23.37
CA ALA B 286 5.74 26.84 22.31
C ALA B 286 4.24 26.98 22.59
N PHE B 287 3.62 25.87 23.03
CA PHE B 287 2.19 25.88 23.40
C PHE B 287 1.88 26.88 24.52
N LYS B 288 2.75 26.95 25.54
CA LYS B 288 2.62 27.93 26.61
C LYS B 288 2.74 29.36 26.07
N ARG B 289 3.71 29.58 25.17
CA ARG B 289 3.93 30.88 24.54
C ARG B 289 2.73 31.34 23.69
N LEU B 290 2.05 30.39 23.03
CA LEU B 290 0.89 30.73 22.18
C LEU B 290 -0.38 31.05 22.95
N LEU B 291 -0.53 30.49 24.13
CA LEU B 291 -1.70 30.73 24.98
C LEU B 291 -1.38 31.78 26.05
N VAL C 3 20.43 12.87 35.87
CA VAL C 3 21.53 12.67 34.87
C VAL C 3 22.57 13.78 34.99
N GLN C 4 23.76 13.42 35.47
CA GLN C 4 24.88 14.36 35.63
C GLN C 4 26.06 13.89 34.77
N LEU C 5 26.65 14.84 34.05
CA LEU C 5 27.82 14.60 33.20
C LEU C 5 29.08 15.16 33.84
N GLN C 6 29.95 14.26 34.32
CA GLN C 6 31.18 14.63 35.00
C GLN C 6 32.35 14.57 34.03
N GLU C 7 33.01 15.72 33.82
CA GLU C 7 34.04 15.86 32.79
C GLU C 7 35.43 16.01 33.41
N SER C 8 36.42 15.32 32.85
CA SER C 8 37.80 15.41 33.31
C SER C 8 38.80 15.29 32.17
N GLY C 9 40.08 15.50 32.47
CA GLY C 9 41.18 15.29 31.52
C GLY C 9 41.72 16.54 30.84
N GLY C 10 41.05 17.68 31.04
CA GLY C 10 41.44 18.93 30.42
C GLY C 10 42.55 19.61 31.19
N GLY C 11 43.19 20.57 30.53
CA GLY C 11 44.14 21.46 31.21
C GLY C 11 45.01 22.25 30.26
N LEU C 12 46.27 22.43 30.65
CA LEU C 12 47.28 23.05 29.81
C LEU C 12 48.18 21.97 29.22
N VAL C 13 48.57 22.17 27.96
CA VAL C 13 49.47 21.26 27.29
C VAL C 13 50.17 21.96 26.12
N GLN C 14 51.40 21.54 25.84
CA GLN C 14 52.23 22.10 24.78
C GLN C 14 51.74 21.62 23.42
N ALA C 15 51.90 22.46 22.38
CA ALA C 15 51.61 22.08 21.00
C ALA C 15 52.38 20.81 20.63
N GLY C 16 51.74 19.92 19.85
CA GLY C 16 52.28 18.60 19.59
C GLY C 16 51.95 17.55 20.65
N GLY C 17 51.34 17.97 21.77
CA GLY C 17 51.05 17.08 22.90
C GLY C 17 49.72 16.37 22.80
N SER C 18 49.48 15.45 23.72
CA SER C 18 48.24 14.68 23.77
C SER C 18 47.48 14.91 25.06
N LEU C 19 46.16 14.74 24.98
CA LEU C 19 45.27 14.79 26.14
C LEU C 19 44.18 13.76 25.98
N ARG C 20 43.66 13.25 27.11
CA ARG C 20 42.57 12.28 27.08
C ARG C 20 41.41 12.75 27.98
N LEU C 21 40.40 13.35 27.33
CA LEU C 21 39.20 13.78 28.02
C LEU C 21 38.34 12.57 28.35
N SER C 22 37.56 12.68 29.41
CA SER C 22 36.74 11.56 29.89
C SER C 22 35.48 12.08 30.59
N CYS C 23 34.32 11.75 30.02
CA CYS C 23 33.03 12.16 30.55
C CYS C 23 32.24 10.96 31.00
N ALA C 24 32.00 10.85 32.30
CA ALA C 24 31.15 9.81 32.87
C ALA C 24 29.75 10.38 33.11
N ALA C 25 28.75 9.68 32.59
CA ALA C 25 27.34 10.08 32.75
C ALA C 25 26.65 9.21 33.79
N SER C 26 26.42 9.76 34.98
CA SER C 26 25.73 9.04 36.05
C SER C 26 24.25 9.42 36.04
N GLY C 27 23.38 8.46 35.73
CA GLY C 27 21.94 8.68 35.74
C GLY C 27 21.19 7.72 34.84
N SER C 28 19.88 7.90 34.73
CA SER C 28 19.05 7.05 33.89
C SER C 28 19.07 7.51 32.43
N ILE C 29 19.65 6.66 31.56
CA ILE C 29 19.78 6.95 30.14
C ILE C 29 19.28 5.74 29.33
N PHE C 30 18.59 6.01 28.23
CA PHE C 30 18.03 4.95 27.36
C PHE C 30 19.18 4.17 26.72
N SER C 31 18.99 2.87 26.56
CA SER C 31 19.99 1.99 25.94
C SER C 31 20.56 2.58 24.66
N ILE C 32 19.69 3.16 23.84
CA ILE C 32 20.10 3.76 22.58
C ILE C 32 20.32 5.25 22.82
N ASN C 33 21.57 5.70 22.60
CA ASN C 33 21.95 7.10 22.82
C ASN C 33 23.22 7.48 22.06
N THR C 34 23.45 8.78 21.93
CA THR C 34 24.64 9.31 21.24
C THR C 34 25.41 10.26 22.16
N MET C 35 26.60 9.82 22.58
CA MET C 35 27.52 10.63 23.41
C MET C 35 28.57 11.30 22.53
N GLY C 36 28.90 12.55 22.87
CA GLY C 36 29.85 13.32 22.09
C GLY C 36 30.52 14.45 22.83
N TRP C 37 31.53 15.02 22.15
CA TRP C 37 32.28 16.16 22.65
C TRP C 37 32.08 17.32 21.70
N TYR C 38 31.63 18.44 22.25
CA TYR C 38 31.55 19.71 21.53
C TYR C 38 32.60 20.63 22.12
N ARG C 39 32.89 21.73 21.42
CA ARG C 39 33.83 22.74 21.93
C ARG C 39 33.44 24.15 21.50
N GLN C 40 33.84 25.13 22.28
CA GLN C 40 33.58 26.53 22.00
C GLN C 40 34.84 27.35 22.20
N ALA C 41 35.47 27.74 21.08
CA ALA C 41 36.61 28.66 21.10
C ALA C 41 36.18 30.03 21.59
N PRO C 42 37.12 30.88 22.07
CA PRO C 42 36.73 32.22 22.52
C PRO C 42 36.14 33.06 21.37
N GLY C 43 34.97 33.65 21.62
CA GLY C 43 34.26 34.43 20.60
C GLY C 43 33.89 33.65 19.35
N LYS C 44 33.47 32.40 19.53
CA LYS C 44 33.00 31.55 18.42
C LYS C 44 31.76 30.79 18.86
N GLN C 45 31.11 30.13 17.92
CA GLN C 45 29.95 29.30 18.22
C GLN C 45 30.39 27.89 18.61
N ARG C 46 29.60 27.26 19.48
CA ARG C 46 29.76 25.87 19.88
C ARG C 46 29.66 24.93 18.67
N GLU C 47 30.71 24.15 18.44
CA GLU C 47 30.74 23.21 17.31
C GLU C 47 31.05 21.80 17.76
N LEU C 48 30.65 20.82 16.95
CA LEU C 48 30.90 19.42 17.24
C LEU C 48 32.37 19.09 16.98
N VAL C 49 32.95 18.34 17.92
CA VAL C 49 34.31 17.81 17.80
C VAL C 49 34.20 16.35 17.36
N ALA C 50 33.58 15.54 18.20
CA ALA C 50 33.37 14.12 17.92
C ALA C 50 32.16 13.55 18.64
N ALA C 51 31.57 12.52 18.05
CA ALA C 51 30.39 11.86 18.64
C ALA C 51 30.39 10.38 18.32
N ILE C 52 29.82 9.61 19.23
CA ILE C 52 29.75 8.16 19.06
C ILE C 52 28.37 7.65 19.49
N HIS C 53 27.72 6.94 18.57
CA HIS C 53 26.43 6.31 18.80
C HIS C 53 26.63 5.06 19.65
N SER C 54 25.57 4.64 20.33
CA SER C 54 25.61 3.40 21.13
C SER C 54 25.84 2.12 20.31
N GLY C 55 25.80 2.21 18.98
CA GLY C 55 26.02 1.07 18.09
C GLY C 55 27.34 1.16 17.34
N GLY C 56 28.29 1.93 17.86
CA GLY C 56 29.64 2.01 17.29
C GLY C 56 29.90 3.03 16.20
N SER C 57 28.84 3.66 15.68
CA SER C 57 28.97 4.67 14.63
C SER C 57 29.71 5.87 15.22
N THR C 58 30.62 6.46 14.44
CA THR C 58 31.32 7.66 14.86
C THR C 58 31.07 8.81 13.89
N ASN C 59 31.36 10.01 14.36
CA ASN C 59 31.25 11.22 13.56
C ASN C 59 32.29 12.20 14.07
N TYR C 60 33.17 12.64 13.17
CA TYR C 60 34.23 13.62 13.50
C TYR C 60 34.09 14.88 12.64
N ALA C 61 34.69 15.97 13.11
CA ALA C 61 34.81 17.19 12.32
C ALA C 61 36.14 17.14 11.55
N ASN C 62 36.17 17.74 10.36
CA ASN C 62 37.38 17.75 9.53
C ASN C 62 38.60 18.40 10.18
N SER C 63 38.39 19.41 11.01
CA SER C 63 39.48 20.04 11.76
C SER C 63 40.25 19.06 12.66
N VAL C 64 39.55 18.06 13.22
CA VAL C 64 40.14 17.07 14.14
C VAL C 64 40.27 15.64 13.58
N LYS C 65 39.96 15.45 12.30
CA LYS C 65 40.01 14.12 11.67
C LYS C 65 41.44 13.59 11.59
N GLY C 66 41.61 12.30 11.89
CA GLY C 66 42.92 11.65 11.92
C GLY C 66 43.72 11.84 13.20
N ARG C 67 43.43 12.90 13.96
CA ARG C 67 44.16 13.24 15.19
C ARG C 67 43.40 12.81 16.43
N PHE C 68 42.12 13.20 16.50
CA PHE C 68 41.28 12.92 17.66
C PHE C 68 40.59 11.58 17.47
N THR C 69 40.46 10.81 18.55
CA THR C 69 39.74 9.54 18.51
C THR C 69 38.76 9.41 19.68
N ILE C 70 37.49 9.18 19.35
CA ILE C 70 36.42 9.06 20.34
C ILE C 70 36.04 7.58 20.52
N SER C 71 35.77 7.21 21.76
CA SER C 71 35.41 5.84 22.09
C SER C 71 34.57 5.89 23.33
N ARG C 72 33.84 4.83 23.58
CA ARG C 72 32.99 4.77 24.76
C ARG C 72 33.24 3.51 25.53
N ASP C 73 33.05 3.60 26.83
CA ASP C 73 33.22 2.48 27.73
C ASP C 73 32.11 1.48 27.45
N ASN C 74 32.51 0.21 27.36
CA ASN C 74 31.59 -0.87 27.03
C ASN C 74 30.45 -1.00 28.06
N ALA C 75 30.79 -1.02 29.35
CA ALA C 75 29.80 -1.22 30.42
C ALA C 75 29.08 0.09 30.74
N ALA C 76 29.76 1.00 31.46
CA ALA C 76 29.13 2.24 31.95
C ALA C 76 29.01 3.29 30.85
N ASN C 77 28.22 4.32 31.14
CA ASN C 77 28.03 5.42 30.21
C ASN C 77 29.17 6.41 30.39
N THR C 78 30.31 6.10 29.79
CA THR C 78 31.50 6.97 29.83
C THR C 78 32.11 7.07 28.44
N VAL C 79 32.44 8.29 28.03
CA VAL C 79 33.00 8.53 26.70
C VAL C 79 34.36 9.20 26.85
N TYR C 80 35.33 8.72 26.06
CA TYR C 80 36.69 9.23 26.08
C TYR C 80 37.00 9.89 24.75
N LEU C 81 37.74 10.99 24.77
CA LEU C 81 38.27 11.61 23.55
C LEU C 81 39.78 11.76 23.66
N GLN C 82 40.51 10.89 22.97
CA GLN C 82 41.96 10.96 22.89
C GLN C 82 42.34 12.02 21.86
N MET C 83 42.92 13.12 22.32
CA MET C 83 43.30 14.25 21.47
C MET C 83 44.81 14.22 21.31
N ASN C 84 45.30 13.95 20.09
CA ASN C 84 46.74 13.91 19.81
C ASN C 84 47.10 15.00 18.81
N SER C 85 48.39 15.31 18.70
CA SER C 85 48.91 16.37 17.79
C SER C 85 48.20 17.71 17.97
N LEU C 86 47.95 18.08 19.23
CA LEU C 86 47.21 19.29 19.54
C LEU C 86 47.90 20.54 18.98
N LYS C 87 47.08 21.52 18.58
CA LYS C 87 47.54 22.80 18.04
C LYS C 87 46.92 23.89 18.90
N PRO C 88 47.41 25.15 18.78
CA PRO C 88 46.73 26.26 19.51
C PRO C 88 45.30 26.57 19.04
N GLU C 89 44.96 26.13 17.84
CA GLU C 89 43.59 26.25 17.30
C GLU C 89 42.59 25.43 18.10
N ASP C 90 43.02 24.31 18.67
CA ASP C 90 42.15 23.41 19.44
C ASP C 90 41.72 23.96 20.81
N THR C 91 42.37 25.04 21.27
CA THR C 91 42.03 25.70 22.55
C THR C 91 40.55 26.11 22.60
N ALA C 92 39.84 25.54 23.57
CA ALA C 92 38.41 25.80 23.74
C ALA C 92 37.89 25.28 25.07
N VAL C 93 36.62 25.56 25.34
CA VAL C 93 35.89 24.93 26.45
C VAL C 93 35.15 23.71 25.90
N TYR C 94 35.67 22.51 26.17
CA TYR C 94 35.09 21.29 25.65
C TYR C 94 33.92 20.84 26.53
N TYR C 95 32.75 20.63 25.90
CA TYR C 95 31.53 20.20 26.58
C TYR C 95 31.15 18.75 26.19
N CYS C 96 30.74 17.98 27.20
CA CYS C 96 30.25 16.61 26.99
C CYS C 96 28.77 16.69 26.72
N ASN C 97 28.29 15.85 25.78
CA ASN C 97 26.86 15.84 25.40
C ASN C 97 26.34 14.41 25.34
N VAL C 98 25.11 14.21 25.84
CA VAL C 98 24.39 12.95 25.68
C VAL C 98 23.04 13.24 25.05
N LYS C 99 22.77 12.64 23.90
CA LYS C 99 21.46 12.67 23.27
C LYS C 99 20.73 11.36 23.55
N ASP C 100 19.68 11.45 24.34
CA ASP C 100 18.88 10.31 24.78
C ASP C 100 17.70 10.15 23.82
N TYR C 101 17.50 8.95 23.29
CA TYR C 101 16.41 8.67 22.35
C TYR C 101 15.22 7.92 22.98
N GLY C 102 15.12 7.92 24.31
CA GLY C 102 14.09 7.18 25.04
C GLY C 102 12.66 7.62 24.81
N ALA C 103 12.46 8.88 24.39
CA ALA C 103 11.12 9.38 24.04
C ALA C 103 10.58 8.83 22.72
N VAL C 104 11.48 8.34 21.86
CA VAL C 104 11.15 7.72 20.56
C VAL C 104 10.87 8.78 19.48
N LEU C 105 9.97 9.71 19.79
CA LEU C 105 9.54 10.72 18.84
C LEU C 105 10.47 11.93 18.80
N TYR C 106 11.13 12.21 19.93
CA TYR C 106 12.12 13.29 20.02
C TYR C 106 13.38 12.86 20.79
N GLU C 107 14.40 13.70 20.73
CA GLU C 107 15.62 13.49 21.50
C GLU C 107 15.69 14.48 22.66
N TYR C 108 16.26 14.05 23.78
CA TYR C 108 16.49 14.91 24.92
C TYR C 108 18.00 15.14 25.08
N ASP C 109 18.40 16.39 25.34
CA ASP C 109 19.82 16.75 25.48
C ASP C 109 20.24 16.87 26.92
N TYR C 110 21.45 16.40 27.20
CA TYR C 110 22.13 16.63 28.46
C TYR C 110 23.46 17.28 28.16
N TRP C 111 23.79 18.36 28.87
CA TRP C 111 25.08 19.03 28.70
C TRP C 111 25.86 19.08 30.01
N GLY C 112 27.16 18.83 29.92
CA GLY C 112 28.08 19.04 31.04
C GLY C 112 28.43 20.51 31.23
N GLN C 113 29.02 20.81 32.38
CA GLN C 113 29.38 22.20 32.74
C GLN C 113 30.42 22.81 31.79
N GLY C 114 31.27 21.96 31.19
CA GLY C 114 32.37 22.40 30.32
C GLY C 114 33.70 22.32 31.05
N THR C 115 34.77 21.94 30.33
CA THR C 115 36.11 21.82 30.93
C THR C 115 37.15 22.46 29.99
N GLN C 116 38.03 23.31 30.56
CA GLN C 116 38.93 24.12 29.75
C GLN C 116 40.09 23.29 29.23
N VAL C 117 40.36 23.42 27.94
CA VAL C 117 41.58 22.92 27.33
C VAL C 117 42.26 24.11 26.68
N THR C 118 43.56 24.24 26.92
CA THR C 118 44.36 25.37 26.43
C THR C 118 45.69 24.84 25.88
N VAL C 119 45.95 25.14 24.61
CA VAL C 119 47.16 24.66 23.93
C VAL C 119 47.95 25.87 23.46
N SER C 120 49.27 25.86 23.74
CA SER C 120 50.17 26.97 23.42
C SER C 120 51.30 26.51 22.50
N SER C 121 51.88 27.47 21.77
CA SER C 121 52.98 27.23 20.81
C SER C 121 54.32 27.69 21.37
N ASP D 2 30.03 14.58 3.64
CA ASP D 2 30.68 13.24 3.75
C ASP D 2 31.20 12.76 2.39
N LYS D 3 30.39 12.92 1.34
CA LYS D 3 30.82 12.63 -0.05
C LYS D 3 31.78 13.69 -0.64
N ILE D 4 32.04 14.78 0.11
CA ILE D 4 32.92 15.85 -0.33
C ILE D 4 34.38 15.39 -0.22
N ILE D 5 35.14 15.57 -1.31
CA ILE D 5 36.59 15.38 -1.29
C ILE D 5 37.21 16.67 -0.75
N HIS D 6 38.13 16.53 0.22
CA HIS D 6 38.85 17.68 0.77
C HIS D 6 40.29 17.65 0.21
N LEU D 7 40.55 18.52 -0.77
CA LEU D 7 41.75 18.42 -1.59
C LEU D 7 42.98 19.02 -0.91
N THR D 8 44.16 18.59 -1.36
CA THR D 8 45.43 19.24 -1.06
C THR D 8 46.14 19.54 -2.40
N ASP D 9 47.30 20.19 -2.32
CA ASP D 9 48.05 20.57 -3.53
C ASP D 9 48.65 19.36 -4.25
N ASP D 10 49.23 18.43 -3.49
CA ASP D 10 49.84 17.21 -4.06
C ASP D 10 48.81 16.15 -4.45
N SER D 11 47.79 15.95 -3.61
CA SER D 11 46.71 14.99 -3.92
C SER D 11 45.75 15.47 -5.02
N PHE D 12 45.77 16.76 -5.38
CA PHE D 12 44.94 17.33 -6.46
C PHE D 12 45.08 16.56 -7.79
N ASP D 13 46.32 16.20 -8.14
CA ASP D 13 46.59 15.43 -9.35
C ASP D 13 45.91 14.05 -9.31
N THR D 14 45.96 13.38 -8.16
CA THR D 14 45.32 12.06 -7.99
C THR D 14 43.81 12.14 -7.81
N ASP D 15 43.34 13.14 -7.05
CA ASP D 15 41.91 13.26 -6.69
C ASP D 15 41.01 13.92 -7.74
N VAL D 16 41.59 14.68 -8.68
CA VAL D 16 40.82 15.39 -9.72
C VAL D 16 41.25 15.07 -11.16
N LEU D 17 42.56 15.16 -11.45
CA LEU D 17 43.06 14.94 -12.82
C LEU D 17 43.09 13.47 -13.22
N LYS D 18 43.48 12.59 -12.29
CA LYS D 18 43.44 11.13 -12.49
C LYS D 18 42.10 10.47 -12.14
N ALA D 19 41.19 11.22 -11.52
CA ALA D 19 39.93 10.67 -11.02
C ALA D 19 38.87 10.56 -12.11
N ASP D 20 38.03 9.54 -11.98
CA ASP D 20 37.08 9.17 -13.03
C ASP D 20 35.84 10.06 -12.94
N GLY D 21 35.24 10.33 -14.09
CA GLY D 21 33.99 11.09 -14.15
C GLY D 21 34.19 12.58 -13.91
N ALA D 22 33.08 13.28 -13.75
CA ALA D 22 33.07 14.74 -13.62
C ALA D 22 33.29 15.12 -12.16
N ILE D 23 34.10 16.17 -11.93
CA ILE D 23 34.41 16.65 -10.58
C ILE D 23 34.31 18.18 -10.51
N LEU D 24 33.49 18.67 -9.58
CA LEU D 24 33.31 20.10 -9.33
C LEU D 24 34.20 20.55 -8.18
N VAL D 25 35.14 21.46 -8.46
CA VAL D 25 36.10 21.94 -7.46
C VAL D 25 35.68 23.33 -6.96
N ASP D 26 35.54 23.47 -5.64
CA ASP D 26 35.33 24.76 -4.97
C ASP D 26 36.65 25.28 -4.41
N PHE D 27 36.99 26.52 -4.77
CA PHE D 27 38.14 27.22 -4.21
C PHE D 27 37.62 28.18 -3.15
N TRP D 28 37.84 27.85 -1.89
CA TRP D 28 37.29 28.59 -0.75
C TRP D 28 38.42 29.03 0.18
N ALA D 29 38.15 30.07 0.97
CA ALA D 29 39.06 30.53 2.02
C ALA D 29 38.29 30.74 3.32
N GLU D 30 38.94 30.49 4.45
CA GLU D 30 38.33 30.70 5.77
C GLU D 30 38.07 32.19 6.06
N TRP D 31 38.85 33.08 5.46
CA TRP D 31 38.64 34.53 5.60
C TRP D 31 37.47 35.08 4.74
N SER D 32 37.22 34.48 3.58
CA SER D 32 36.22 34.99 2.62
C SER D 32 34.77 34.60 3.01
N GLY D 33 33.95 35.61 3.29
CA GLY D 33 32.54 35.41 3.63
C GLY D 33 31.68 34.89 2.50
N PRO D 34 31.91 35.36 1.26
CA PRO D 34 31.25 34.76 0.09
C PRO D 34 31.60 33.28 -0.17
N SER D 35 32.80 32.85 0.22
CA SER D 35 33.21 31.44 0.12
C SER D 35 32.49 30.50 1.09
N LYS D 36 32.03 31.08 2.21
CA LYS D 36 31.24 30.36 3.21
C LYS D 36 29.73 30.26 2.87
N MET D 37 29.20 31.26 2.16
CA MET D 37 27.78 31.27 1.76
C MET D 37 27.36 30.07 0.89
N ILE D 38 28.26 29.61 0.02
CA ILE D 38 27.96 28.43 -0.84
C ILE D 38 28.32 27.07 -0.23
N ALA D 39 29.04 27.07 0.89
CA ALA D 39 29.42 25.83 1.60
C ALA D 39 28.25 24.88 1.93
N PRO D 40 27.15 25.38 2.55
CA PRO D 40 26.01 24.49 2.79
C PRO D 40 25.26 24.07 1.52
N ILE D 41 25.34 24.89 0.47
CA ILE D 41 24.73 24.58 -0.84
C ILE D 41 25.49 23.45 -1.54
N LEU D 42 26.81 23.50 -1.50
CA LEU D 42 27.65 22.43 -2.08
C LEU D 42 27.53 21.08 -1.34
N ASP D 43 27.30 21.13 -0.04
CA ASP D 43 27.03 19.92 0.77
C ASP D 43 25.70 19.24 0.39
N GLU D 44 24.71 20.04 -0.01
CA GLU D 44 23.45 19.50 -0.54
C GLU D 44 23.59 18.94 -1.96
N ILE D 45 24.39 19.59 -2.81
CA ILE D 45 24.63 19.13 -4.19
C ILE D 45 25.39 17.78 -4.26
N ALA D 46 26.28 17.53 -3.30
CA ALA D 46 26.97 16.23 -3.22
C ALA D 46 26.01 15.03 -3.06
N ASP D 47 24.89 15.25 -2.37
CA ASP D 47 23.82 14.24 -2.23
C ASP D 47 22.87 14.21 -3.42
N GLU D 48 22.41 15.39 -3.85
CA GLU D 48 21.43 15.50 -4.95
C GLU D 48 22.01 15.12 -6.33
N TYR D 49 23.27 15.45 -6.58
CA TYR D 49 23.98 15.06 -7.82
C TYR D 49 24.93 13.85 -7.62
N GLN D 50 24.63 12.99 -6.64
CA GLN D 50 25.42 11.76 -6.39
C GLN D 50 25.44 10.89 -7.65
N GLY D 51 26.62 10.44 -8.05
CA GLY D 51 26.80 9.66 -9.29
C GLY D 51 27.06 10.51 -10.53
N LYS D 52 26.24 11.54 -10.75
CA LYS D 52 26.36 12.43 -11.90
C LYS D 52 27.66 13.27 -11.86
N LEU D 53 28.03 13.73 -10.67
CA LEU D 53 29.33 14.37 -10.43
C LEU D 53 29.79 14.17 -8.99
N THR D 54 31.02 14.61 -8.70
CA THR D 54 31.63 14.54 -7.37
C THR D 54 32.11 15.92 -6.95
N VAL D 55 31.72 16.37 -5.77
CA VAL D 55 32.10 17.70 -5.27
C VAL D 55 33.43 17.61 -4.51
N ALA D 56 34.30 18.58 -4.75
CA ALA D 56 35.58 18.70 -4.06
C ALA D 56 35.81 20.13 -3.59
N LYS D 57 36.49 20.28 -2.44
CA LYS D 57 36.81 21.59 -1.86
C LYS D 57 38.31 21.71 -1.61
N LEU D 58 38.88 22.89 -1.90
CA LEU D 58 40.31 23.15 -1.75
C LEU D 58 40.52 24.50 -1.08
N ASN D 59 41.15 24.49 0.09
CA ASN D 59 41.39 25.72 0.87
C ASN D 59 42.63 26.46 0.30
N ILE D 60 42.43 27.71 -0.13
CA ILE D 60 43.49 28.54 -0.74
C ILE D 60 44.57 28.97 0.27
N ASP D 61 44.19 29.15 1.54
CA ASP D 61 45.15 29.48 2.61
C ASP D 61 46.04 28.28 2.95
N GLN D 62 45.46 27.08 2.95
CA GLN D 62 46.19 25.85 3.20
C GLN D 62 47.07 25.43 2.02
N ASN D 63 46.51 25.49 0.81
CA ASN D 63 47.19 25.07 -0.42
C ASN D 63 47.22 26.21 -1.45
N PRO D 64 48.17 27.16 -1.30
CA PRO D 64 48.21 28.30 -2.21
C PRO D 64 48.78 27.99 -3.60
N GLY D 65 49.47 26.85 -3.76
CA GLY D 65 50.10 26.48 -5.03
C GLY D 65 49.16 26.15 -6.18
N THR D 66 47.97 25.63 -5.87
CA THR D 66 47.04 25.13 -6.90
C THR D 66 46.29 26.23 -7.65
N ALA D 67 45.99 27.35 -6.98
CA ALA D 67 45.13 28.40 -7.57
C ALA D 67 45.76 29.23 -8.72
N PRO D 68 47.05 29.59 -8.61
CA PRO D 68 47.74 30.26 -9.73
C PRO D 68 47.80 29.48 -11.05
N LYS D 69 47.84 28.14 -10.97
CA LYS D 69 47.94 27.28 -12.16
C LYS D 69 46.78 27.46 -13.16
N TYR D 70 45.56 27.63 -12.63
CA TYR D 70 44.36 27.81 -13.47
C TYR D 70 43.92 29.28 -13.58
N GLY D 71 44.58 30.18 -12.87
CA GLY D 71 44.31 31.61 -12.96
C GLY D 71 43.03 32.01 -12.26
N ILE D 72 42.95 31.69 -10.97
CA ILE D 72 41.80 32.09 -10.13
C ILE D 72 41.97 33.56 -9.72
N ARG D 73 40.98 34.39 -10.04
CA ARG D 73 40.99 35.81 -9.71
C ARG D 73 40.24 36.08 -8.39
N GLY D 74 38.95 35.76 -8.37
CA GLY D 74 38.11 35.91 -7.16
C GLY D 74 37.79 34.57 -6.51
N ILE D 75 37.20 34.62 -5.31
CA ILE D 75 36.67 33.43 -4.62
C ILE D 75 35.29 33.69 -4.01
N PRO D 76 34.39 32.69 -4.02
CA PRO D 76 34.58 31.30 -4.48
C PRO D 76 34.43 31.15 -5.99
N THR D 77 35.27 30.31 -6.60
CA THR D 77 35.19 30.02 -8.05
C THR D 77 35.09 28.50 -8.27
N LEU D 78 34.01 28.09 -8.93
CA LEU D 78 33.69 26.68 -9.15
C LEU D 78 34.12 26.21 -10.54
N LEU D 79 35.17 25.40 -10.61
CA LEU D 79 35.64 24.79 -11.86
C LEU D 79 35.13 23.37 -11.99
N LEU D 80 34.36 23.09 -13.05
CA LEU D 80 33.94 21.73 -13.39
C LEU D 80 35.04 21.05 -14.20
N PHE D 81 35.38 19.83 -13.82
CA PHE D 81 36.47 19.06 -14.45
C PHE D 81 35.91 17.79 -15.10
N LYS D 82 36.43 17.47 -16.30
CA LYS D 82 36.08 16.22 -17.02
C LYS D 82 37.35 15.58 -17.61
N ASN D 83 37.85 14.55 -16.92
CA ASN D 83 39.06 13.80 -17.32
C ASN D 83 40.35 14.64 -17.31
N GLY D 84 40.49 15.50 -16.29
CA GLY D 84 41.62 16.42 -16.18
C GLY D 84 41.59 17.60 -17.14
N GLU D 85 40.37 18.04 -17.52
CA GLU D 85 40.17 19.19 -18.40
C GLU D 85 39.03 20.05 -17.87
N VAL D 86 39.21 21.38 -17.91
CA VAL D 86 38.21 22.33 -17.43
C VAL D 86 37.15 22.58 -18.51
N ALA D 87 35.93 22.09 -18.27
CA ALA D 87 34.82 22.26 -19.22
C ALA D 87 34.04 23.56 -19.02
N ALA D 88 33.97 24.05 -17.78
CA ALA D 88 33.17 25.28 -17.47
C ALA D 88 33.53 25.89 -16.11
N THR D 89 33.09 27.13 -15.90
CA THR D 89 33.49 27.93 -14.73
C THR D 89 32.38 28.89 -14.28
N LYS D 90 32.18 29.00 -12.97
CA LYS D 90 31.38 30.08 -12.36
C LYS D 90 32.20 30.72 -11.24
N VAL D 91 31.91 32.00 -10.97
CA VAL D 91 32.66 32.79 -10.00
C VAL D 91 31.71 33.61 -9.13
N GLY D 92 32.04 33.74 -7.84
CA GLY D 92 31.18 34.41 -6.87
C GLY D 92 30.19 33.48 -6.21
N ALA D 93 29.42 34.03 -5.28
CA ALA D 93 28.44 33.26 -4.49
C ALA D 93 27.11 33.16 -5.24
N LEU D 94 26.51 31.98 -5.20
CA LEU D 94 25.25 31.67 -5.86
C LEU D 94 24.28 31.08 -4.84
N SER D 95 23.00 31.06 -5.20
CA SER D 95 21.98 30.30 -4.47
C SER D 95 21.82 28.91 -5.09
N LYS D 96 21.07 28.04 -4.43
CA LYS D 96 20.83 26.67 -4.94
C LYS D 96 20.14 26.66 -6.31
N GLY D 97 19.11 27.51 -6.46
CA GLY D 97 18.37 27.65 -7.72
C GLY D 97 19.20 28.12 -8.90
N GLN D 98 20.10 29.06 -8.66
CA GLN D 98 21.06 29.55 -9.68
C GLN D 98 22.09 28.47 -10.02
N LEU D 99 22.60 27.79 -8.99
CA LEU D 99 23.65 26.78 -9.15
C LEU D 99 23.16 25.51 -9.85
N LYS D 100 21.95 25.06 -9.53
CA LYS D 100 21.33 23.92 -10.22
C LYS D 100 21.24 24.18 -11.73
N GLU D 101 20.82 25.40 -12.11
CA GLU D 101 20.69 25.77 -13.51
C GLU D 101 22.01 25.83 -14.26
N PHE D 102 23.10 26.19 -13.57
CA PHE D 102 24.45 26.09 -14.13
C PHE D 102 24.81 24.62 -14.36
N LEU D 103 24.56 23.78 -13.36
CA LEU D 103 24.96 22.37 -13.42
C LEU D 103 24.10 21.55 -14.40
N ASP D 104 22.77 21.68 -14.34
CA ASP D 104 21.90 20.89 -15.23
C ASP D 104 22.16 21.20 -16.71
N ALA D 105 22.41 22.48 -17.01
CA ALA D 105 22.68 22.95 -18.36
C ALA D 105 24.07 22.54 -18.89
N ASN D 106 25.05 22.49 -17.99
CA ASN D 106 26.45 22.20 -18.34
C ASN D 106 26.80 20.70 -18.38
N LEU D 107 25.95 19.84 -17.81
CA LEU D 107 26.20 18.38 -17.81
C LEU D 107 25.50 17.73 -19.00
N ALA E 1 23.08 13.35 -23.40
CA ALA E 1 21.92 12.80 -24.16
C ALA E 1 21.74 11.28 -23.98
N ALA E 2 22.80 10.54 -23.63
CA ALA E 2 22.68 9.08 -23.35
C ALA E 2 22.00 8.84 -22.01
N ALA E 3 22.49 9.48 -20.94
CA ALA E 3 21.79 9.49 -19.65
C ALA E 3 20.40 10.15 -19.72
N LYS E 4 20.24 11.14 -20.61
CA LYS E 4 18.99 11.93 -20.69
C LYS E 4 17.87 11.20 -21.45
N VAL E 5 18.22 10.55 -22.56
CA VAL E 5 17.25 9.74 -23.34
C VAL E 5 16.92 8.45 -22.56
N MET E 6 17.96 7.84 -21.99
CA MET E 6 17.79 6.63 -21.18
C MET E 6 16.88 6.86 -19.98
N SER E 7 17.01 8.00 -19.32
CA SER E 7 16.20 8.31 -18.13
C SER E 7 14.74 8.63 -18.45
N LEU E 8 14.50 9.33 -19.55
CA LEU E 8 13.13 9.56 -20.06
C LEU E 8 12.45 8.24 -20.42
N LEU E 9 13.20 7.35 -21.06
CA LEU E 9 12.68 6.05 -21.51
C LEU E 9 12.27 5.15 -20.33
N MET E 10 12.92 5.28 -19.18
CA MET E 10 12.53 4.57 -17.96
C MET E 10 11.20 5.11 -17.43
N ALA E 11 11.02 6.43 -17.50
CA ALA E 11 9.81 7.07 -16.99
C ALA E 11 8.54 6.60 -17.71
N LEU E 12 8.56 6.53 -19.04
CA LEU E 12 7.40 6.03 -19.81
C LEU E 12 7.13 4.55 -19.52
N VAL E 13 8.19 3.76 -19.32
CA VAL E 13 8.06 2.34 -18.95
C VAL E 13 7.25 2.20 -17.66
N VAL E 14 7.60 2.98 -16.65
CA VAL E 14 6.85 2.98 -15.39
C VAL E 14 5.41 3.45 -15.61
N LEU E 15 5.24 4.48 -16.44
CA LEU E 15 3.92 5.04 -16.71
C LEU E 15 3.03 4.02 -17.43
N LEU E 16 3.55 3.37 -18.46
CA LEU E 16 2.81 2.33 -19.18
C LEU E 16 2.40 1.17 -18.26
N ILE E 17 3.32 0.70 -17.41
CA ILE E 17 3.04 -0.45 -16.52
C ILE E 17 1.95 -0.10 -15.51
N VAL E 18 2.12 1.02 -14.81
CA VAL E 18 1.17 1.40 -13.77
C VAL E 18 -0.16 1.78 -14.41
N ALA E 19 -0.14 2.64 -15.42
CA ALA E 19 -1.37 3.05 -16.10
C ALA E 19 -2.14 1.84 -16.57
N GLY E 20 -1.51 1.05 -17.43
CA GLY E 20 -2.13 -0.12 -18.02
C GLY E 20 -2.74 -1.06 -17.02
N ASN E 21 -1.95 -1.45 -16.02
CA ASN E 21 -2.40 -2.44 -15.04
C ASN E 21 -3.45 -1.89 -14.06
N VAL E 22 -3.29 -0.65 -13.63
CA VAL E 22 -4.31 -0.01 -12.79
C VAL E 22 -5.65 -0.02 -13.51
N LEU E 23 -5.60 0.31 -14.80
CA LEU E 23 -6.78 0.39 -15.64
C LEU E 23 -7.50 -0.95 -15.80
N VAL E 24 -6.72 -2.02 -15.91
CA VAL E 24 -7.22 -3.39 -16.01
C VAL E 24 -7.90 -3.83 -14.72
N ILE E 25 -7.22 -3.62 -13.60
CA ILE E 25 -7.73 -4.05 -12.28
C ILE E 25 -9.03 -3.32 -11.97
N ALA E 26 -9.05 -2.02 -12.28
CA ALA E 26 -10.26 -1.19 -12.15
C ALA E 26 -11.40 -1.73 -12.99
N ALA E 27 -11.10 -2.01 -14.25
CA ALA E 27 -12.09 -2.51 -15.21
C ALA E 27 -12.71 -3.81 -14.72
N ILE E 28 -11.89 -4.73 -14.25
CA ILE E 28 -12.37 -6.03 -13.73
C ILE E 28 -13.17 -5.87 -12.43
N GLY E 29 -12.69 -5.02 -11.52
CA GLY E 29 -13.37 -4.79 -10.23
C GLY E 29 -14.72 -4.10 -10.36
N SER E 30 -14.78 -3.09 -11.23
CA SER E 30 -15.95 -2.25 -11.39
C SER E 30 -17.09 -2.84 -12.24
N THR E 31 -16.79 -3.82 -13.09
CA THR E 31 -17.78 -4.40 -14.03
C THR E 31 -18.13 -5.84 -13.65
N GLN E 32 -19.43 -6.13 -13.56
CA GLN E 32 -19.94 -7.46 -13.17
C GLN E 32 -19.65 -8.47 -14.27
N ARG E 33 -19.77 -8.02 -15.53
CA ARG E 33 -19.54 -8.86 -16.70
C ARG E 33 -18.08 -9.33 -16.86
N LEU E 34 -17.10 -8.51 -16.44
CA LEU E 34 -15.69 -8.87 -16.59
C LEU E 34 -15.19 -9.90 -15.58
N GLN E 35 -15.99 -10.25 -14.56
CA GLN E 35 -15.52 -11.11 -13.47
C GLN E 35 -15.63 -12.61 -13.81
N THR E 36 -15.01 -13.01 -14.92
CA THR E 36 -14.95 -14.41 -15.32
C THR E 36 -13.71 -15.08 -14.72
N LEU E 37 -13.61 -16.40 -14.90
CA LEU E 37 -12.52 -17.19 -14.31
C LEU E 37 -11.17 -16.84 -14.95
N THR E 38 -11.14 -16.74 -16.28
CA THR E 38 -9.94 -16.30 -17.01
C THR E 38 -9.45 -14.92 -16.54
N ASN E 39 -10.38 -13.99 -16.35
CA ASN E 39 -10.06 -12.66 -15.82
C ASN E 39 -9.64 -12.65 -14.34
N LEU E 40 -9.97 -13.71 -13.61
CA LEU E 40 -9.43 -13.92 -12.26
C LEU E 40 -7.91 -14.15 -12.29
N PHE E 41 -7.44 -15.01 -13.20
CA PHE E 41 -6.01 -15.17 -13.47
C PHE E 41 -5.38 -13.90 -14.08
N ILE E 42 -6.12 -13.15 -14.87
CA ILE E 42 -5.65 -11.85 -15.37
C ILE E 42 -5.46 -10.85 -14.23
N THR E 43 -6.30 -10.93 -13.21
CA THR E 43 -6.18 -10.06 -12.05
C THR E 43 -4.91 -10.35 -11.26
N SER E 44 -4.60 -11.64 -11.07
CA SER E 44 -3.31 -12.05 -10.47
C SER E 44 -2.16 -11.46 -11.26
N LEU E 45 -2.18 -11.68 -12.57
CA LEU E 45 -1.16 -11.15 -13.46
C LEU E 45 -1.02 -9.65 -13.33
N ALA E 46 -2.14 -8.94 -13.34
CA ALA E 46 -2.09 -7.47 -13.29
C ALA E 46 -1.56 -6.93 -11.96
N CYS E 47 -1.82 -7.64 -10.87
CA CYS E 47 -1.26 -7.27 -9.56
C CYS E 47 0.26 -7.33 -9.59
N ALA E 48 0.79 -8.47 -10.04
CA ALA E 48 2.23 -8.67 -10.10
C ALA E 48 2.89 -7.59 -10.93
N ASP E 49 2.39 -7.41 -12.15
CA ASP E 49 2.94 -6.41 -13.07
C ASP E 49 2.91 -5.01 -12.47
N LEU E 50 1.82 -4.69 -11.77
CA LEU E 50 1.69 -3.39 -11.12
C LEU E 50 2.74 -3.16 -10.03
N VAL E 51 2.99 -4.18 -9.20
CA VAL E 51 4.03 -4.09 -8.16
C VAL E 51 5.40 -3.90 -8.80
N VAL E 52 5.61 -4.47 -9.98
CA VAL E 52 6.84 -4.25 -10.75
C VAL E 52 6.97 -2.76 -11.09
N GLY E 53 5.91 -2.19 -11.65
CA GLY E 53 5.89 -0.77 -12.02
C GLY E 53 6.03 0.20 -10.85
N LEU E 54 5.37 -0.10 -9.73
CA LEU E 54 5.37 0.79 -8.57
C LEU E 54 6.65 0.75 -7.76
N LEU E 55 7.23 -0.43 -7.57
CA LEU E 55 8.37 -0.59 -6.68
C LEU E 55 9.62 -1.05 -7.35
N VAL E 56 9.55 -2.14 -8.10
CA VAL E 56 10.73 -2.78 -8.67
C VAL E 56 11.44 -1.90 -9.70
N VAL E 57 10.71 -1.40 -10.70
CA VAL E 57 11.33 -0.63 -11.79
C VAL E 57 11.91 0.73 -11.33
N PRO E 58 11.19 1.48 -10.44
CA PRO E 58 11.74 2.73 -9.90
C PRO E 58 13.12 2.57 -9.23
N PHE E 59 13.20 1.66 -8.27
CA PHE E 59 14.46 1.37 -7.57
C PHE E 59 15.52 0.87 -8.55
N GLY E 60 15.11 0.04 -9.49
CA GLY E 60 15.99 -0.41 -10.56
C GLY E 60 16.49 0.75 -11.42
N ALA E 61 15.60 1.72 -11.69
CA ALA E 61 15.95 2.91 -12.49
C ALA E 61 17.06 3.74 -11.84
N THR E 62 16.97 3.89 -10.52
CA THR E 62 17.93 4.70 -9.76
C THR E 62 19.30 4.05 -9.64
N LEU E 63 19.34 2.72 -9.65
CA LEU E 63 20.60 1.99 -9.72
C LEU E 63 21.35 2.24 -11.05
N VAL E 64 20.63 2.55 -12.12
CA VAL E 64 21.23 2.95 -13.40
C VAL E 64 21.58 4.45 -13.42
N VAL E 65 20.70 5.28 -12.88
CA VAL E 65 20.90 6.75 -12.87
C VAL E 65 22.13 7.11 -12.03
N ARG E 66 22.11 6.73 -10.77
CA ARG E 66 23.13 7.10 -9.78
C ARG E 66 24.38 6.20 -9.82
N GLY E 67 24.32 5.08 -10.55
CA GLY E 67 25.42 4.12 -10.60
C GLY E 67 25.70 3.33 -9.32
N THR E 68 24.79 3.40 -8.33
CA THR E 68 25.00 2.76 -7.03
C THR E 68 23.72 2.68 -6.19
N TRP E 69 23.71 1.74 -5.24
CA TRP E 69 22.57 1.53 -4.35
C TRP E 69 22.60 2.51 -3.19
N LEU E 70 21.58 3.35 -3.09
CA LEU E 70 21.52 4.40 -2.08
C LEU E 70 20.74 4.05 -0.82
N TRP E 71 20.13 2.86 -0.79
CA TRP E 71 19.19 2.48 0.30
C TRP E 71 19.63 1.27 1.15
N GLY E 72 20.90 0.89 1.05
CA GLY E 72 21.50 -0.03 2.01
C GLY E 72 21.32 -1.49 1.70
N SER E 73 22.01 -2.32 2.48
CA SER E 73 22.09 -3.76 2.25
C SER E 73 20.74 -4.47 2.44
N PHE E 74 19.97 -4.09 3.45
CA PHE E 74 18.68 -4.73 3.72
C PHE E 74 17.67 -4.48 2.60
N LEU E 75 17.56 -3.23 2.15
CA LEU E 75 16.67 -2.92 1.04
C LEU E 75 17.17 -3.36 -0.32
N CYS E 76 18.46 -3.67 -0.46
CA CYS E 76 18.94 -4.38 -1.65
C CYS E 76 18.41 -5.81 -1.65
N GLU E 77 18.48 -6.47 -0.49
CA GLU E 77 17.97 -7.85 -0.36
C GLU E 77 16.45 -7.92 -0.48
N LEU E 78 15.76 -6.99 0.16
CA LEU E 78 14.30 -6.91 0.09
C LEU E 78 13.83 -6.61 -1.33
N TRP E 79 14.48 -5.65 -1.99
CA TRP E 79 14.15 -5.29 -3.38
C TRP E 79 14.44 -6.42 -4.37
N THR E 80 15.57 -7.09 -4.20
CA THR E 80 15.89 -8.25 -5.03
C THR E 80 14.82 -9.34 -4.87
N SER E 81 14.43 -9.61 -3.63
CA SER E 81 13.36 -10.57 -3.37
C SER E 81 12.04 -10.16 -3.99
N LEU E 82 11.68 -8.89 -3.86
CA LEU E 82 10.43 -8.38 -4.45
C LEU E 82 10.44 -8.49 -5.99
N ASP E 83 11.59 -8.24 -6.61
CA ASP E 83 11.74 -8.38 -8.05
C ASP E 83 11.44 -9.79 -8.45
N VAL E 84 12.15 -10.75 -7.86
CA VAL E 84 12.00 -12.15 -8.20
C VAL E 84 10.57 -12.65 -7.92
N LEU E 85 9.99 -12.25 -6.79
CA LEU E 85 8.60 -12.58 -6.45
C LEU E 85 7.65 -12.20 -7.57
N CYS E 86 7.66 -10.93 -7.97
CA CYS E 86 6.73 -10.42 -8.96
C CYS E 86 6.97 -10.97 -10.38
N VAL E 87 8.22 -11.16 -10.76
CA VAL E 87 8.53 -11.76 -12.06
C VAL E 87 8.12 -13.23 -12.07
N THR E 88 8.42 -13.96 -11.00
CA THR E 88 7.97 -15.35 -10.87
C THR E 88 6.45 -15.46 -10.96
N ALA E 89 5.73 -14.69 -10.15
CA ALA E 89 4.26 -14.70 -10.17
C ALA E 89 3.68 -14.31 -11.53
N SER E 90 4.28 -13.32 -12.19
CA SER E 90 3.80 -12.87 -13.49
C SER E 90 3.91 -13.98 -14.53
N ILE E 91 5.11 -14.52 -14.69
CA ILE E 91 5.37 -15.49 -15.76
C ILE E 91 4.69 -16.83 -15.47
N GLU E 92 4.67 -17.28 -14.22
CA GLU E 92 3.87 -18.46 -13.83
C GLU E 92 2.39 -18.26 -14.11
N THR E 93 1.86 -17.06 -13.84
CA THR E 93 0.46 -16.74 -14.15
C THR E 93 0.16 -16.76 -15.67
N LEU E 94 1.12 -16.36 -16.51
CA LEU E 94 0.97 -16.52 -17.96
C LEU E 94 0.81 -17.98 -18.37
N CYS E 95 1.52 -18.85 -17.69
CA CYS E 95 1.42 -20.29 -17.88
C CYS E 95 0.08 -20.87 -17.40
N VAL E 96 -0.42 -20.38 -16.27
CA VAL E 96 -1.73 -20.82 -15.78
C VAL E 96 -2.83 -20.38 -16.75
N ILE E 97 -2.73 -19.15 -17.27
CA ILE E 97 -3.67 -18.64 -18.30
C ILE E 97 -3.66 -19.51 -19.55
N ALA E 98 -2.49 -19.85 -20.08
CA ALA E 98 -2.42 -20.74 -21.26
C ALA E 98 -3.15 -22.07 -21.04
N ILE E 99 -3.00 -22.65 -19.85
CA ILE E 99 -3.74 -23.86 -19.47
C ILE E 99 -5.25 -23.58 -19.33
N ASP E 100 -5.62 -22.46 -18.73
CA ASP E 100 -7.03 -22.10 -18.61
C ASP E 100 -7.69 -22.03 -19.99
N ARG E 101 -7.05 -21.32 -20.91
CA ARG E 101 -7.54 -21.17 -22.27
C ARG E 101 -7.50 -22.48 -23.04
N TYR E 102 -6.52 -23.32 -22.76
CA TYR E 102 -6.49 -24.66 -23.35
C TYR E 102 -7.72 -25.49 -22.98
N LEU E 103 -8.05 -25.54 -21.70
CA LEU E 103 -9.22 -26.30 -21.26
C LEU E 103 -10.53 -25.70 -21.79
N ALA E 104 -10.66 -24.39 -21.70
CA ALA E 104 -11.87 -23.71 -22.17
C ALA E 104 -12.09 -23.80 -23.69
N ILE E 105 -11.02 -23.93 -24.47
CA ILE E 105 -11.12 -24.03 -25.93
C ILE E 105 -11.32 -25.47 -26.37
N THR E 106 -10.46 -26.39 -25.95
CA THR E 106 -10.52 -27.78 -26.42
C THR E 106 -11.63 -28.59 -25.76
N SER E 107 -11.85 -28.38 -24.46
CA SER E 107 -12.78 -29.23 -23.68
C SER E 107 -13.70 -28.38 -22.81
N PRO E 108 -14.55 -27.56 -23.45
CA PRO E 108 -15.29 -26.52 -22.73
C PRO E 108 -16.29 -27.05 -21.70
N PHE E 109 -16.88 -28.22 -21.95
CA PHE E 109 -17.90 -28.78 -21.04
C PHE E 109 -17.21 -29.40 -19.82
N ARG E 110 -16.07 -30.04 -20.07
CA ARG E 110 -15.23 -30.55 -18.99
C ARG E 110 -14.77 -29.39 -18.10
N TYR E 111 -14.20 -28.36 -18.74
CA TYR E 111 -13.64 -27.19 -18.06
C TYR E 111 -14.58 -26.54 -17.03
N GLN E 112 -15.87 -26.45 -17.33
CA GLN E 112 -16.78 -25.66 -16.47
C GLN E 112 -17.02 -26.33 -15.12
N SER E 113 -17.23 -27.65 -15.14
CA SER E 113 -17.39 -28.42 -13.90
C SER E 113 -16.05 -28.64 -13.20
N LEU E 114 -14.99 -28.86 -13.97
CA LEU E 114 -13.64 -29.10 -13.43
C LEU E 114 -13.07 -27.86 -12.74
N MET E 115 -12.99 -26.74 -13.46
CA MET E 115 -12.31 -25.53 -12.96
C MET E 115 -13.29 -24.58 -12.30
N THR E 116 -13.45 -24.73 -10.99
CA THR E 116 -14.36 -23.91 -10.19
C THR E 116 -13.67 -22.61 -9.77
N ARG E 117 -14.44 -21.69 -9.22
CA ARG E 117 -13.89 -20.42 -8.73
C ARG E 117 -12.94 -20.66 -7.56
N ALA E 118 -13.33 -21.52 -6.64
CA ALA E 118 -12.48 -21.88 -5.50
C ALA E 118 -11.17 -22.52 -5.94
N ARG E 119 -11.24 -23.42 -6.93
CA ARG E 119 -10.02 -24.05 -7.46
C ARG E 119 -9.08 -23.02 -8.10
N ALA E 120 -9.63 -22.06 -8.84
CA ALA E 120 -8.84 -20.97 -9.43
C ALA E 120 -8.13 -20.13 -8.37
N LYS E 121 -8.81 -19.83 -7.26
CA LYS E 121 -8.21 -19.08 -6.14
C LYS E 121 -7.03 -19.86 -5.53
N VAL E 122 -7.22 -21.16 -5.33
CA VAL E 122 -6.16 -21.98 -4.75
C VAL E 122 -4.95 -22.00 -5.69
N ILE E 123 -5.19 -22.13 -6.99
CA ILE E 123 -4.10 -22.05 -8.00
C ILE E 123 -3.38 -20.71 -7.89
N ILE E 124 -4.13 -19.61 -7.81
CA ILE E 124 -3.52 -18.28 -7.72
C ILE E 124 -2.68 -18.17 -6.44
N CYS E 125 -3.23 -18.59 -5.32
CA CYS E 125 -2.51 -18.59 -4.05
C CYS E 125 -1.19 -19.39 -4.12
N THR E 126 -1.26 -20.55 -4.76
CA THR E 126 -0.08 -21.39 -5.01
C THR E 126 0.99 -20.70 -5.88
N VAL E 127 0.56 -20.01 -6.94
CA VAL E 127 1.50 -19.28 -7.80
C VAL E 127 2.28 -18.27 -6.99
N TRP E 128 1.59 -17.52 -6.14
CA TRP E 128 2.23 -16.53 -5.28
C TRP E 128 3.07 -17.17 -4.16
N ALA E 129 2.57 -18.25 -3.56
CA ALA E 129 3.34 -18.98 -2.53
C ALA E 129 4.68 -19.50 -3.08
N ILE E 130 4.65 -20.07 -4.27
CA ILE E 130 5.88 -20.53 -4.93
C ILE E 130 6.82 -19.35 -5.28
N SER E 131 6.24 -18.25 -5.75
CA SER E 131 7.01 -17.03 -6.00
C SER E 131 7.73 -16.56 -4.74
N ALA E 132 7.04 -16.60 -3.59
CA ALA E 132 7.64 -16.22 -2.31
C ALA E 132 8.80 -17.14 -1.91
N LEU E 133 8.56 -18.45 -2.00
CA LEU E 133 9.57 -19.43 -1.61
C LEU E 133 10.77 -19.50 -2.56
N VAL E 134 10.66 -18.97 -3.77
CA VAL E 134 11.82 -18.85 -4.67
C VAL E 134 12.56 -17.53 -4.45
N SER E 135 11.84 -16.50 -4.02
CA SER E 135 12.39 -15.16 -3.93
C SER E 135 12.82 -14.82 -2.51
N PHE E 136 11.85 -14.66 -1.60
CA PHE E 136 12.14 -14.15 -0.26
C PHE E 136 12.87 -15.17 0.61
N LEU E 137 12.45 -16.43 0.56
CA LEU E 137 13.10 -17.45 1.41
C LEU E 137 14.61 -17.63 1.12
N PRO E 138 15.01 -17.83 -0.15
CA PRO E 138 16.46 -17.99 -0.42
C PRO E 138 17.28 -16.70 -0.31
N ILE E 139 16.73 -15.58 -0.76
CA ILE E 139 17.49 -14.33 -0.82
C ILE E 139 17.70 -13.73 0.57
N MET E 140 16.65 -13.66 1.37
CA MET E 140 16.76 -13.17 2.74
C MET E 140 17.65 -14.08 3.58
N MET E 141 17.51 -15.41 3.45
CA MET E 141 18.33 -16.36 4.21
C MET E 141 19.76 -16.55 3.68
N HIS E 142 20.16 -15.81 2.64
CA HIS E 142 21.51 -15.87 2.05
C HIS E 142 21.84 -17.20 1.37
N TRP E 143 20.82 -17.96 0.94
CA TRP E 143 21.09 -19.22 0.23
C TRP E 143 21.49 -18.92 -1.21
N TRP E 144 21.01 -17.80 -1.75
CA TRP E 144 21.44 -17.33 -3.08
C TRP E 144 22.92 -16.93 -3.17
N ARG E 145 23.55 -16.69 -2.02
CA ARG E 145 24.93 -16.17 -1.93
C ARG E 145 25.99 -17.12 -2.51
N ASP E 146 26.88 -16.55 -3.33
CA ASP E 146 28.05 -17.25 -3.85
C ASP E 146 29.25 -17.14 -2.88
N GLU E 147 30.10 -18.17 -2.87
CA GLU E 147 31.30 -18.21 -2.01
C GLU E 147 32.49 -17.42 -2.60
N ASP E 148 32.48 -17.20 -3.92
CA ASP E 148 33.50 -16.42 -4.64
C ASP E 148 33.88 -15.11 -3.91
N PRO E 149 35.18 -14.72 -3.93
CA PRO E 149 35.57 -13.50 -3.21
C PRO E 149 35.05 -12.19 -3.81
N GLN E 150 35.11 -12.07 -5.14
CA GLN E 150 34.66 -10.85 -5.85
C GLN E 150 33.14 -10.68 -5.80
N ALA E 151 32.42 -11.81 -5.74
CA ALA E 151 30.97 -11.81 -5.45
C ALA E 151 30.72 -11.37 -4.01
N LEU E 152 31.50 -11.94 -3.09
CA LEU E 152 31.42 -11.62 -1.65
C LEU E 152 31.82 -10.16 -1.33
N LYS E 153 32.54 -9.51 -2.25
CA LYS E 153 32.76 -8.06 -2.19
C LYS E 153 31.46 -7.24 -2.35
N CYS E 154 30.59 -7.65 -3.28
CA CYS E 154 29.31 -6.96 -3.52
C CYS E 154 28.26 -7.20 -2.41
N TYR E 155 28.37 -8.32 -1.69
CA TYR E 155 27.51 -8.57 -0.54
C TYR E 155 27.94 -7.73 0.68
N GLN E 156 29.26 -7.61 0.88
CA GLN E 156 29.82 -6.77 1.96
C GLN E 156 29.59 -5.26 1.73
N ASP E 157 29.73 -4.81 0.48
CA ASP E 157 29.47 -3.40 0.10
C ASP E 157 27.96 -3.08 0.07
N PRO E 158 27.49 -2.15 0.92
CA PRO E 158 26.07 -1.74 0.83
C PRO E 158 25.74 -0.97 -0.45
N GLY E 159 26.72 -0.22 -0.97
CA GLY E 159 26.56 0.51 -2.22
C GLY E 159 26.39 -0.37 -3.44
N CYS E 160 26.90 -1.60 -3.40
CA CYS E 160 26.76 -2.55 -4.51
C CYS E 160 25.50 -3.39 -4.32
N CYS E 161 24.70 -3.44 -5.39
CA CYS E 161 23.45 -4.23 -5.43
C CYS E 161 23.34 -4.91 -6.80
N ASP E 162 24.42 -5.56 -7.21
CA ASP E 162 24.39 -6.43 -8.39
C ASP E 162 23.68 -7.71 -8.03
N PHE E 163 23.25 -8.42 -9.08
CA PHE E 163 22.61 -9.70 -8.95
C PHE E 163 23.67 -10.77 -9.20
N VAL E 164 24.16 -11.36 -8.11
CA VAL E 164 25.16 -12.42 -8.17
C VAL E 164 24.62 -13.60 -7.37
N THR E 165 24.60 -14.76 -7.99
CA THR E 165 24.03 -15.97 -7.40
C THR E 165 24.98 -17.13 -7.55
N ASN E 166 24.84 -18.11 -6.66
CA ASN E 166 25.49 -19.41 -6.89
C ASN E 166 24.89 -20.12 -8.12
N ARG E 167 25.46 -21.25 -8.48
CA ARG E 167 24.96 -22.04 -9.60
C ARG E 167 23.55 -22.54 -9.30
N ALA E 168 23.37 -23.15 -8.14
CA ALA E 168 22.11 -23.78 -7.75
C ALA E 168 20.92 -22.83 -7.90
N TYR E 169 21.04 -21.66 -7.28
CA TYR E 169 19.94 -20.70 -7.27
C TYR E 169 19.65 -20.15 -8.65
N ALA E 170 20.67 -19.84 -9.42
CA ALA E 170 20.47 -19.30 -10.75
C ALA E 170 19.74 -20.27 -11.66
N ILE E 171 20.03 -21.56 -11.52
CA ILE E 171 19.36 -22.58 -12.30
C ILE E 171 17.93 -22.69 -11.79
N ALA E 172 17.78 -23.10 -10.52
CA ALA E 172 16.46 -23.37 -9.92
C ALA E 172 15.46 -22.21 -10.03
N SER E 173 15.91 -21.00 -9.72
CA SER E 173 15.07 -19.81 -9.86
C SER E 173 14.67 -19.59 -11.31
N SER E 174 15.62 -19.70 -12.23
CA SER E 174 15.34 -19.47 -13.67
C SER E 174 14.34 -20.49 -14.20
N ILE E 175 14.52 -21.76 -13.81
CA ILE E 175 13.57 -22.83 -14.16
C ILE E 175 12.17 -22.52 -13.65
N ILE E 176 12.03 -22.31 -12.35
CA ILE E 176 10.72 -22.06 -11.74
C ILE E 176 10.07 -20.76 -12.24
N SER E 177 10.87 -19.71 -12.39
CA SER E 177 10.34 -18.44 -12.87
C SER E 177 10.05 -18.41 -14.38
N PHE E 178 10.81 -19.15 -15.19
CA PHE E 178 10.76 -19.00 -16.66
C PHE E 178 10.61 -20.27 -17.49
N TYR E 179 11.49 -21.25 -17.27
CA TYR E 179 11.58 -22.43 -18.17
C TYR E 179 10.45 -23.45 -18.03
N ILE E 180 10.08 -23.86 -16.81
CA ILE E 180 8.88 -24.68 -16.63
C ILE E 180 7.66 -23.96 -17.23
N PRO E 181 7.42 -22.68 -16.86
CA PRO E 181 6.35 -21.93 -17.52
C PRO E 181 6.39 -21.91 -19.04
N LEU E 182 7.57 -21.62 -19.60
CA LEU E 182 7.71 -21.54 -21.06
C LEU E 182 7.38 -22.85 -21.74
N LEU E 183 7.99 -23.94 -21.29
CA LEU E 183 7.73 -25.24 -21.89
C LEU E 183 6.25 -25.62 -21.83
N ILE E 184 5.61 -25.38 -20.68
CA ILE E 184 4.18 -25.65 -20.57
C ILE E 184 3.38 -24.79 -21.57
N MET E 185 3.73 -23.52 -21.69
CA MET E 185 3.04 -22.65 -22.65
C MET E 185 3.26 -23.08 -24.10
N ILE E 186 4.44 -23.60 -24.43
CA ILE E 186 4.71 -24.05 -25.81
C ILE E 186 3.93 -25.33 -26.10
N PHE E 187 4.04 -26.31 -25.21
CA PHE E 187 3.26 -27.56 -25.27
C PHE E 187 1.75 -27.31 -25.35
N VAL E 188 1.25 -26.45 -24.47
CA VAL E 188 -0.19 -26.20 -24.34
C VAL E 188 -0.75 -25.49 -25.57
N TYR E 189 -0.15 -24.36 -25.94
CA TYR E 189 -0.60 -23.60 -27.11
C TYR E 189 -0.32 -24.30 -28.44
N LEU E 190 0.67 -25.20 -28.47
CA LEU E 190 0.92 -25.99 -29.68
C LEU E 190 -0.26 -26.92 -29.98
N ARG E 191 -0.86 -27.51 -28.95
CA ARG E 191 -2.04 -28.36 -29.11
C ARG E 191 -3.31 -27.60 -29.56
N VAL E 192 -3.42 -26.30 -29.25
CA VAL E 192 -4.49 -25.45 -29.80
C VAL E 192 -4.30 -25.23 -31.30
N TYR E 193 -3.05 -25.04 -31.72
CA TYR E 193 -2.72 -25.01 -33.15
C TYR E 193 -3.01 -26.36 -33.81
N ARG E 194 -2.57 -27.46 -33.20
CA ARG E 194 -2.83 -28.81 -33.74
C ARG E 194 -4.32 -29.16 -33.82
N GLU E 195 -5.06 -28.80 -32.76
CA GLU E 195 -6.51 -29.02 -32.73
C GLU E 195 -7.19 -28.31 -33.91
N ALA E 196 -6.83 -27.04 -34.11
CA ALA E 196 -7.38 -26.23 -35.20
C ALA E 196 -6.91 -26.67 -36.58
N LYS E 197 -5.69 -27.21 -36.67
CA LYS E 197 -5.19 -27.79 -37.91
C LYS E 197 -5.97 -29.06 -38.29
N GLU E 198 -6.17 -29.97 -37.33
CA GLU E 198 -6.92 -31.21 -37.60
C GLU E 198 -8.41 -30.94 -37.88
N GLN E 199 -8.95 -29.92 -37.23
CA GLN E 199 -10.35 -29.55 -37.43
C GLN E 199 -10.58 -28.90 -38.80
N ILE E 200 -9.61 -28.13 -39.28
CA ILE E 200 -9.59 -27.63 -40.68
C ILE E 200 -9.55 -28.80 -41.69
N ARG E 201 -8.84 -29.87 -41.34
CA ARG E 201 -8.80 -31.08 -42.18
C ARG E 201 -10.19 -31.72 -42.31
N LYS E 202 -10.90 -31.88 -41.19
CA LYS E 202 -12.25 -32.44 -41.22
C LYS E 202 -13.28 -31.58 -41.99
N ILE E 203 -13.18 -30.26 -41.87
CA ILE E 203 -14.07 -29.34 -42.61
C ILE E 203 -13.81 -29.39 -44.12
N MET E 217 -10.05 -16.19 -42.47
CA MET E 217 -9.95 -14.92 -41.73
C MET E 217 -9.75 -15.17 -40.23
N LYS E 218 -10.71 -15.85 -39.60
CA LYS E 218 -10.63 -16.22 -38.17
C LYS E 218 -9.47 -17.16 -37.82
N GLU E 219 -8.99 -17.92 -38.79
CA GLU E 219 -7.86 -18.81 -38.60
C GLU E 219 -6.52 -18.05 -38.61
N HIS E 220 -6.36 -17.13 -39.55
CA HIS E 220 -5.11 -16.35 -39.65
C HIS E 220 -4.96 -15.32 -38.53
N LYS E 221 -6.08 -14.77 -38.06
CA LYS E 221 -6.06 -13.89 -36.89
C LYS E 221 -5.67 -14.67 -35.63
N ALA E 222 -6.15 -15.91 -35.49
CA ALA E 222 -5.81 -16.77 -34.33
C ALA E 222 -4.33 -17.11 -34.29
N LEU E 223 -3.75 -17.35 -35.46
CA LEU E 223 -2.32 -17.59 -35.60
C LEU E 223 -1.49 -16.32 -35.27
N LYS E 224 -1.96 -15.15 -35.68
CA LYS E 224 -1.29 -13.89 -35.36
C LYS E 224 -1.33 -13.59 -33.85
N THR E 225 -2.50 -13.77 -33.23
CA THR E 225 -2.69 -13.62 -31.78
C THR E 225 -1.78 -14.55 -31.00
N LEU E 226 -1.77 -15.81 -31.42
CA LEU E 226 -0.91 -16.82 -30.83
C LEU E 226 0.59 -16.48 -31.01
N GLY E 227 0.92 -15.90 -32.16
CA GLY E 227 2.27 -15.38 -32.42
C GLY E 227 2.67 -14.23 -31.53
N ILE E 228 1.73 -13.31 -31.27
CA ILE E 228 1.96 -12.20 -30.34
C ILE E 228 2.15 -12.71 -28.90
N ILE E 229 1.29 -13.63 -28.46
CA ILE E 229 1.35 -14.16 -27.09
C ILE E 229 2.74 -14.76 -26.82
N MET E 230 3.14 -15.74 -27.63
CA MET E 230 4.42 -16.43 -27.43
C MET E 230 5.63 -15.61 -27.85
N GLY E 231 5.48 -14.82 -28.91
CA GLY E 231 6.57 -13.99 -29.44
C GLY E 231 7.02 -12.87 -28.50
N VAL E 232 6.06 -12.10 -27.99
CA VAL E 232 6.36 -10.98 -27.10
C VAL E 232 6.90 -11.46 -25.75
N PHE E 233 6.27 -12.48 -25.17
CA PHE E 233 6.74 -13.08 -23.90
C PHE E 233 8.17 -13.59 -24.02
N THR E 234 8.46 -14.34 -25.08
CA THR E 234 9.80 -14.92 -25.28
C THR E 234 10.83 -13.86 -25.68
N LEU E 235 10.46 -12.92 -26.56
CA LEU E 235 11.34 -11.79 -26.86
C LEU E 235 11.76 -11.04 -25.60
N CYS E 236 10.81 -10.80 -24.69
CA CYS E 236 11.08 -10.02 -23.47
C CYS E 236 11.89 -10.74 -22.38
N TRP E 237 11.67 -12.05 -22.20
CA TRP E 237 12.29 -12.77 -21.08
C TRP E 237 13.30 -13.86 -21.42
N LEU E 238 13.26 -14.44 -22.61
CA LEU E 238 14.28 -15.46 -22.99
C LEU E 238 15.72 -14.92 -22.99
N PRO E 239 15.97 -13.72 -23.56
CA PRO E 239 17.34 -13.16 -23.57
C PRO E 239 17.98 -13.02 -22.19
N PHE E 240 17.23 -12.46 -21.24
CA PHE E 240 17.71 -12.31 -19.87
C PHE E 240 17.93 -13.67 -19.19
N PHE E 241 16.93 -14.55 -19.26
CA PHE E 241 17.01 -15.86 -18.62
C PHE E 241 17.94 -16.86 -19.30
N LEU E 242 18.25 -16.64 -20.57
CA LEU E 242 19.31 -17.40 -21.26
C LEU E 242 20.68 -16.96 -20.67
N VAL E 243 20.91 -15.65 -20.67
CA VAL E 243 22.13 -15.05 -20.11
C VAL E 243 22.31 -15.37 -18.62
N ASN E 244 21.22 -15.35 -17.86
CA ASN E 244 21.25 -15.62 -16.41
C ASN E 244 21.82 -17.01 -16.07
N ILE E 245 21.59 -17.99 -16.95
CA ILE E 245 22.21 -19.31 -16.83
C ILE E 245 23.65 -19.28 -17.34
N VAL E 246 23.91 -18.54 -18.42
CA VAL E 246 25.27 -18.39 -18.98
C VAL E 246 26.26 -17.82 -17.96
N ASN E 247 25.89 -16.70 -17.34
CA ASN E 247 26.73 -15.99 -16.36
C ASN E 247 27.25 -16.84 -15.18
N VAL E 248 26.54 -17.90 -14.82
CA VAL E 248 26.99 -18.82 -13.78
C VAL E 248 28.29 -19.52 -14.17
N PHE E 249 28.30 -20.05 -15.40
CA PHE E 249 29.43 -20.86 -15.85
C PHE E 249 30.62 -19.99 -16.31
N ASN E 250 30.50 -19.31 -17.45
CA ASN E 250 31.58 -18.48 -18.01
C ASN E 250 31.25 -17.00 -17.82
N ARG E 251 31.66 -16.45 -16.66
CA ARG E 251 31.10 -15.20 -16.15
C ARG E 251 31.40 -13.97 -17.00
N ASP E 252 32.63 -13.82 -17.49
CA ASP E 252 33.00 -12.63 -18.27
C ASP E 252 32.47 -12.61 -19.70
N LEU E 253 31.84 -13.70 -20.15
CA LEU E 253 31.37 -13.83 -21.53
C LEU E 253 30.37 -12.72 -21.93
N VAL E 254 29.37 -12.50 -21.09
CA VAL E 254 28.37 -11.47 -21.32
C VAL E 254 28.68 -10.26 -20.44
N PRO E 255 28.77 -9.04 -21.02
CA PRO E 255 29.02 -7.83 -20.21
C PRO E 255 27.95 -7.53 -19.16
N ASP E 256 28.26 -6.63 -18.24
CA ASP E 256 27.34 -6.26 -17.16
C ASP E 256 26.24 -5.29 -17.66
N TRP E 257 26.61 -4.34 -18.53
CA TRP E 257 25.64 -3.40 -19.12
C TRP E 257 24.52 -4.15 -19.88
N LEU E 258 24.90 -5.21 -20.59
CA LEU E 258 23.96 -6.02 -21.39
C LEU E 258 23.05 -6.87 -20.51
N PHE E 259 23.61 -7.44 -19.45
CA PHE E 259 22.83 -8.19 -18.45
C PHE E 259 21.74 -7.34 -17.83
N VAL E 260 22.07 -6.09 -17.48
CA VAL E 260 21.09 -5.18 -16.91
C VAL E 260 20.06 -4.78 -17.98
N ALA E 261 20.54 -4.40 -19.17
CA ALA E 261 19.64 -4.04 -20.28
C ALA E 261 18.65 -5.15 -20.65
N PHE E 262 19.14 -6.38 -20.74
CA PHE E 262 18.27 -7.55 -20.98
C PHE E 262 17.22 -7.76 -19.88
N ASN E 263 17.57 -7.49 -18.62
CA ASN E 263 16.60 -7.53 -17.51
C ASN E 263 15.53 -6.47 -17.66
N TRP E 264 15.91 -5.27 -18.11
CA TRP E 264 14.93 -4.21 -18.41
C TRP E 264 13.98 -4.54 -19.55
N LEU E 265 14.46 -5.30 -20.54
CA LEU E 265 13.60 -5.82 -21.59
C LEU E 265 12.49 -6.71 -20.99
N GLY E 266 12.83 -7.51 -19.98
CA GLY E 266 11.86 -8.29 -19.20
C GLY E 266 10.84 -7.47 -18.41
N TYR E 267 11.27 -6.35 -17.84
CA TYR E 267 10.33 -5.44 -17.16
C TYR E 267 9.31 -4.84 -18.13
N ALA E 268 9.71 -4.65 -19.39
CA ALA E 268 8.82 -4.12 -20.44
C ALA E 268 7.62 -5.04 -20.74
N ASN E 269 7.81 -6.35 -20.61
CA ASN E 269 6.71 -7.32 -20.78
C ASN E 269 5.53 -7.01 -19.87
N SER E 270 5.81 -6.58 -18.63
CA SER E 270 4.76 -6.18 -17.70
C SER E 270 3.88 -5.02 -18.23
N ALA E 271 4.45 -4.17 -19.10
CA ALA E 271 3.68 -3.15 -19.85
C ALA E 271 2.93 -3.72 -21.06
N MET E 272 3.49 -4.77 -21.66
CA MET E 272 2.84 -5.46 -22.79
C MET E 272 1.65 -6.34 -22.38
N ASN E 273 1.72 -6.97 -21.21
CA ASN E 273 0.69 -7.96 -20.79
C ASN E 273 -0.74 -7.41 -20.72
N PRO E 274 -0.96 -6.17 -20.20
CA PRO E 274 -2.30 -5.57 -20.27
C PRO E 274 -2.86 -5.49 -21.69
N ILE E 275 -2.00 -5.16 -22.65
CA ILE E 275 -2.39 -4.99 -24.04
C ILE E 275 -2.80 -6.32 -24.69
N ILE E 276 -2.06 -7.39 -24.42
CA ILE E 276 -2.30 -8.68 -25.07
C ILE E 276 -3.53 -9.38 -24.49
N TYR E 277 -3.56 -9.50 -23.16
CA TYR E 277 -4.57 -10.31 -22.48
C TYR E 277 -5.86 -9.55 -22.04
N CYS E 278 -6.09 -8.34 -22.55
CA CYS E 278 -7.31 -7.59 -22.24
C CYS E 278 -7.88 -6.86 -23.46
N ARG E 279 -7.98 -7.59 -24.58
CA ARG E 279 -8.52 -7.06 -25.84
C ARG E 279 -9.97 -7.49 -26.10
N SER E 280 -10.62 -8.16 -25.14
CA SER E 280 -11.99 -8.64 -25.36
C SER E 280 -12.93 -7.44 -25.58
N PRO E 281 -14.06 -7.66 -26.29
CA PRO E 281 -15.01 -6.57 -26.48
C PRO E 281 -15.47 -5.98 -25.15
N ASP E 282 -15.73 -6.84 -24.17
CA ASP E 282 -16.11 -6.40 -22.81
C ASP E 282 -15.04 -5.56 -22.11
N PHE E 283 -13.76 -5.89 -22.31
CA PHE E 283 -12.65 -5.04 -21.82
C PHE E 283 -12.63 -3.68 -22.52
N ARG E 284 -12.75 -3.69 -23.84
CA ARG E 284 -12.74 -2.45 -24.66
C ARG E 284 -13.84 -1.47 -24.25
N LYS E 285 -15.03 -2.03 -23.96
CA LYS E 285 -16.17 -1.23 -23.48
C LYS E 285 -15.94 -0.67 -22.09
N ALA E 286 -15.45 -1.50 -21.17
CA ALA E 286 -15.16 -1.09 -19.81
C ALA E 286 -14.08 -0.01 -19.77
N PHE E 287 -13.03 -0.15 -20.57
CA PHE E 287 -11.96 0.87 -20.66
C PHE E 287 -12.49 2.23 -21.12
N LYS E 288 -13.41 2.23 -22.09
CA LYS E 288 -14.05 3.47 -22.52
C LYS E 288 -14.88 4.07 -21.39
N ARG E 289 -15.62 3.23 -20.67
CA ARG E 289 -16.43 3.67 -19.53
C ARG E 289 -15.60 4.25 -18.38
N LEU E 290 -14.39 3.72 -18.16
CA LEU E 290 -13.52 4.18 -17.06
C LEU E 290 -12.81 5.50 -17.37
N LEU E 291 -12.61 5.82 -18.65
CA LEU E 291 -12.01 7.09 -19.04
C LEU E 291 -13.09 8.07 -19.49
N ALA E 292 -14.28 7.97 -18.86
CA ALA E 292 -15.51 8.63 -19.35
C ALA E 292 -15.45 10.15 -19.22
N PHE E 293 -15.56 10.67 -18.00
CA PHE E 293 -15.56 12.11 -17.78
C PHE E 293 -14.15 12.70 -17.96
N GLN F 2 -18.97 -11.67 -42.32
CA GLN F 2 -20.27 -11.33 -41.65
C GLN F 2 -21.05 -12.58 -41.22
N VAL F 3 -20.98 -12.89 -39.92
CA VAL F 3 -21.59 -14.12 -39.36
C VAL F 3 -23.08 -13.90 -39.11
N GLN F 4 -23.91 -14.62 -39.86
CA GLN F 4 -25.37 -14.66 -39.65
C GLN F 4 -25.80 -16.07 -39.27
N LEU F 5 -26.64 -16.18 -38.24
CA LEU F 5 -27.20 -17.46 -37.81
C LEU F 5 -28.67 -17.61 -38.23
N GLN F 6 -28.90 -18.48 -39.21
CA GLN F 6 -30.22 -18.67 -39.82
C GLN F 6 -30.87 -19.90 -39.20
N GLU F 7 -32.01 -19.70 -38.54
CA GLU F 7 -32.67 -20.75 -37.76
C GLU F 7 -33.97 -21.17 -38.44
N SER F 8 -34.21 -22.48 -38.49
CA SER F 8 -35.43 -23.03 -39.06
C SER F 8 -35.91 -24.27 -38.31
N GLY F 9 -37.10 -24.73 -38.65
CA GLY F 9 -37.65 -25.98 -38.11
C GLY F 9 -38.63 -25.84 -36.96
N GLY F 10 -38.81 -24.62 -36.46
CA GLY F 10 -39.74 -24.37 -35.37
C GLY F 10 -41.15 -24.22 -35.88
N GLY F 11 -42.11 -24.37 -34.97
CA GLY F 11 -43.51 -24.07 -35.27
C GLY F 11 -44.47 -24.58 -34.22
N LEU F 12 -45.64 -25.04 -34.69
CA LEU F 12 -46.63 -25.67 -33.83
C LEU F 12 -46.57 -27.18 -34.02
N VAL F 13 -46.74 -27.90 -32.92
CA VAL F 13 -46.73 -29.36 -32.95
C VAL F 13 -47.46 -29.92 -31.73
N GLN F 14 -48.10 -31.09 -31.92
CA GLN F 14 -48.86 -31.77 -30.88
C GLN F 14 -47.92 -32.43 -29.87
N ALA F 15 -48.35 -32.50 -28.61
CA ALA F 15 -47.62 -33.25 -27.57
C ALA F 15 -47.37 -34.69 -28.02
N GLY F 16 -46.20 -35.21 -27.70
CA GLY F 16 -45.76 -36.52 -28.21
C GLY F 16 -45.09 -36.45 -29.59
N GLY F 17 -45.12 -35.29 -30.24
CA GLY F 17 -44.59 -35.12 -31.60
C GLY F 17 -43.12 -34.77 -31.62
N SER F 18 -42.55 -34.77 -32.84
CA SER F 18 -41.15 -34.46 -33.04
C SER F 18 -40.95 -33.22 -33.91
N LEU F 19 -39.82 -32.55 -33.69
CA LEU F 19 -39.39 -31.42 -34.50
C LEU F 19 -37.91 -31.47 -34.69
N ARG F 20 -37.43 -30.93 -35.80
CA ARG F 20 -36.00 -30.88 -36.10
C ARG F 20 -35.57 -29.46 -36.43
N LEU F 21 -35.00 -28.80 -35.43
CA LEU F 21 -34.45 -27.45 -35.59
C LEU F 21 -33.14 -27.55 -36.35
N SER F 22 -32.80 -26.49 -37.07
CA SER F 22 -31.61 -26.46 -37.90
C SER F 22 -31.08 -25.04 -38.03
N CYS F 23 -29.87 -24.81 -37.51
CA CYS F 23 -29.23 -23.49 -37.55
C CYS F 23 -27.99 -23.55 -38.40
N ALA F 24 -28.01 -22.85 -39.53
CA ALA F 24 -26.86 -22.71 -40.40
C ALA F 24 -26.18 -21.37 -40.12
N ALA F 25 -24.88 -21.42 -39.86
CA ALA F 25 -24.07 -20.23 -39.59
C ALA F 25 -23.24 -19.85 -40.82
N SER F 26 -23.67 -18.81 -41.54
CA SER F 26 -23.02 -18.37 -42.77
C SER F 26 -22.10 -17.20 -42.44
N GLY F 27 -20.79 -17.43 -42.61
CA GLY F 27 -19.78 -16.42 -42.26
C GLY F 27 -18.49 -17.07 -41.77
N SER F 28 -17.53 -16.23 -41.41
CA SER F 28 -16.21 -16.70 -40.99
C SER F 28 -16.19 -17.09 -39.50
N ILE F 29 -16.00 -18.37 -39.23
CA ILE F 29 -15.92 -18.91 -37.85
C ILE F 29 -14.65 -19.75 -37.70
N PHE F 30 -14.02 -19.68 -36.52
CA PHE F 30 -12.79 -20.42 -36.23
C PHE F 30 -13.09 -21.91 -36.22
N SER F 31 -12.14 -22.69 -36.72
CA SER F 31 -12.22 -24.14 -36.76
C SER F 31 -12.74 -24.73 -35.46
N ILE F 32 -12.24 -24.24 -34.34
CA ILE F 32 -12.63 -24.72 -33.03
C ILE F 32 -13.74 -23.80 -32.52
N ASN F 33 -14.92 -24.38 -32.29
CA ASN F 33 -16.08 -23.64 -31.81
C ASN F 33 -17.13 -24.55 -31.16
N THR F 34 -18.05 -23.95 -30.42
CA THR F 34 -19.11 -24.67 -29.76
C THR F 34 -20.47 -24.11 -30.17
N MET F 35 -21.24 -24.91 -30.93
CA MET F 35 -22.59 -24.58 -31.37
C MET F 35 -23.63 -25.21 -30.44
N GLY F 36 -24.71 -24.48 -30.17
CA GLY F 36 -25.74 -24.95 -29.26
C GLY F 36 -27.09 -24.28 -29.42
N TRP F 37 -28.07 -24.87 -28.74
CA TRP F 37 -29.43 -24.37 -28.71
C TRP F 37 -29.78 -23.98 -27.29
N TYR F 38 -30.23 -22.75 -27.12
CA TYR F 38 -30.76 -22.25 -25.86
C TYR F 38 -32.25 -22.02 -26.06
N ARG F 39 -32.99 -21.86 -24.97
CA ARG F 39 -34.42 -21.54 -25.03
C ARG F 39 -34.86 -20.63 -23.89
N GLN F 40 -35.93 -19.87 -24.13
CA GLN F 40 -36.50 -18.96 -23.16
C GLN F 40 -38.01 -19.10 -23.12
N ALA F 41 -38.53 -19.77 -22.09
CA ALA F 41 -40.00 -19.82 -21.84
C ALA F 41 -40.50 -18.40 -21.48
N PRO F 42 -41.82 -18.14 -21.65
CA PRO F 42 -42.28 -16.76 -21.47
C PRO F 42 -42.09 -16.28 -20.03
N GLY F 43 -41.49 -15.10 -19.87
CA GLY F 43 -41.17 -14.52 -18.56
C GLY F 43 -40.29 -15.40 -17.67
N LYS F 44 -39.29 -16.03 -18.27
CA LYS F 44 -38.28 -16.83 -17.55
C LYS F 44 -36.91 -16.54 -18.14
N GLN F 45 -35.86 -17.08 -17.51
CA GLN F 45 -34.50 -16.83 -18.00
C GLN F 45 -34.07 -17.83 -19.06
N ARG F 46 -33.25 -17.33 -19.99
CA ARG F 46 -32.69 -18.12 -21.08
C ARG F 46 -31.80 -19.22 -20.51
N GLU F 47 -32.11 -20.47 -20.86
CA GLU F 47 -31.36 -21.64 -20.38
C GLU F 47 -30.84 -22.48 -21.54
N LEU F 48 -29.78 -23.24 -21.26
CA LEU F 48 -29.20 -24.14 -22.26
C LEU F 48 -30.08 -25.36 -22.45
N VAL F 49 -30.29 -25.72 -23.71
CA VAL F 49 -31.01 -26.93 -24.10
C VAL F 49 -29.98 -27.99 -24.45
N ALA F 50 -29.18 -27.72 -25.48
CA ALA F 50 -28.11 -28.63 -25.92
C ALA F 50 -26.98 -27.89 -26.61
N ALA F 51 -25.78 -28.48 -26.54
CA ALA F 51 -24.59 -27.88 -27.16
C ALA F 51 -23.63 -28.96 -27.63
N ILE F 52 -22.91 -28.66 -28.70
CA ILE F 52 -21.96 -29.59 -29.27
C ILE F 52 -20.67 -28.86 -29.67
N HIS F 53 -19.55 -29.37 -29.17
CA HIS F 53 -18.22 -28.87 -29.48
C HIS F 53 -17.80 -29.35 -30.86
N SER F 54 -16.88 -28.62 -31.49
CA SER F 54 -16.33 -29.03 -32.80
C SER F 54 -15.57 -30.36 -32.80
N GLY F 55 -15.32 -30.93 -31.61
CA GLY F 55 -14.63 -32.21 -31.47
C GLY F 55 -15.55 -33.33 -30.98
N GLY F 56 -16.87 -33.17 -31.18
CA GLY F 56 -17.84 -34.22 -30.87
C GLY F 56 -18.42 -34.27 -29.47
N SER F 57 -17.88 -33.50 -28.54
CA SER F 57 -18.39 -33.47 -27.17
C SER F 57 -19.79 -32.87 -27.17
N THR F 58 -20.69 -33.46 -26.37
CA THR F 58 -22.05 -32.92 -26.24
C THR F 58 -22.37 -32.56 -24.81
N ASN F 59 -23.42 -31.75 -24.64
CA ASN F 59 -23.85 -31.30 -23.32
C ASN F 59 -25.35 -31.04 -23.41
N TYR F 60 -26.13 -31.70 -22.55
CA TYR F 60 -27.59 -31.58 -22.52
C TYR F 60 -28.07 -31.07 -21.15
N ALA F 61 -29.28 -30.51 -21.12
CA ALA F 61 -29.94 -30.15 -19.86
C ALA F 61 -30.80 -31.34 -19.42
N ASN F 62 -30.96 -31.50 -18.10
CA ASN F 62 -31.72 -32.64 -17.53
C ASN F 62 -33.17 -32.71 -18.00
N SER F 63 -33.80 -31.55 -18.20
CA SER F 63 -35.18 -31.48 -18.68
C SER F 63 -35.35 -32.15 -20.06
N VAL F 64 -34.33 -32.07 -20.91
CA VAL F 64 -34.38 -32.63 -22.29
C VAL F 64 -33.51 -33.87 -22.52
N LYS F 65 -32.90 -34.42 -21.47
CA LYS F 65 -31.98 -35.57 -21.62
C LYS F 65 -32.74 -36.83 -22.06
N GLY F 66 -32.15 -37.57 -23.00
CA GLY F 66 -32.76 -38.77 -23.56
C GLY F 66 -33.78 -38.55 -24.67
N ARG F 67 -34.37 -37.35 -24.73
CA ARG F 67 -35.40 -37.01 -25.72
C ARG F 67 -34.82 -36.21 -26.88
N PHE F 68 -34.08 -35.15 -26.55
CA PHE F 68 -33.49 -34.24 -27.53
C PHE F 68 -32.11 -34.76 -27.92
N THR F 69 -31.76 -34.65 -29.21
CA THR F 69 -30.44 -35.06 -29.70
C THR F 69 -29.84 -33.99 -30.60
N ILE F 70 -28.64 -33.52 -30.23
CA ILE F 70 -27.93 -32.48 -30.98
C ILE F 70 -26.81 -33.09 -31.80
N SER F 71 -26.62 -32.56 -33.00
CA SER F 71 -25.59 -33.04 -33.91
C SER F 71 -25.21 -31.90 -34.81
N ARG F 72 -24.06 -32.01 -35.45
CA ARG F 72 -23.60 -30.94 -36.32
C ARG F 72 -23.18 -31.49 -37.66
N ASP F 73 -23.35 -30.66 -38.68
CA ASP F 73 -23.01 -31.05 -40.04
C ASP F 73 -21.50 -31.13 -40.15
N ASN F 74 -21.02 -32.22 -40.74
CA ASN F 74 -19.58 -32.38 -41.00
C ASN F 74 -19.03 -31.27 -41.93
N ALA F 75 -19.76 -30.99 -43.02
CA ALA F 75 -19.32 -30.04 -44.05
C ALA F 75 -19.30 -28.58 -43.57
N ALA F 76 -20.48 -27.96 -43.50
CA ALA F 76 -20.61 -26.54 -43.12
C ALA F 76 -20.88 -26.39 -41.62
N ASN F 77 -20.91 -25.14 -41.17
CA ASN F 77 -21.26 -24.80 -39.80
C ASN F 77 -22.77 -24.78 -39.66
N THR F 78 -23.34 -25.96 -39.48
CA THR F 78 -24.78 -26.15 -39.27
C THR F 78 -25.01 -27.13 -38.13
N VAL F 79 -25.94 -26.79 -37.24
CA VAL F 79 -26.24 -27.62 -36.08
C VAL F 79 -27.72 -27.97 -36.10
N TYR F 80 -28.03 -29.24 -35.83
CA TYR F 80 -29.39 -29.74 -35.81
C TYR F 80 -29.76 -30.16 -34.39
N LEU F 81 -31.01 -29.91 -33.99
CA LEU F 81 -31.54 -30.42 -32.73
C LEU F 81 -32.82 -31.19 -32.98
N GLN F 82 -32.73 -32.52 -32.96
CA GLN F 82 -33.89 -33.40 -33.08
C GLN F 82 -34.62 -33.45 -31.74
N MET F 83 -35.82 -32.90 -31.69
CA MET F 83 -36.61 -32.82 -30.47
C MET F 83 -37.74 -33.83 -30.59
N ASN F 84 -37.71 -34.89 -29.77
CA ASN F 84 -38.74 -35.95 -29.78
C ASN F 84 -39.47 -35.96 -28.46
N SER F 85 -40.65 -36.59 -28.44
CA SER F 85 -41.50 -36.68 -27.23
C SER F 85 -41.77 -35.32 -26.58
N LEU F 86 -42.04 -34.33 -27.42
CA LEU F 86 -42.26 -32.97 -26.95
C LEU F 86 -43.43 -32.89 -25.97
N LYS F 87 -43.32 -31.99 -25.00
CA LYS F 87 -44.34 -31.74 -23.99
C LYS F 87 -44.69 -30.25 -24.06
N PRO F 88 -45.80 -29.81 -23.41
CA PRO F 88 -46.09 -28.38 -23.36
C PRO F 88 -45.07 -27.53 -22.57
N GLU F 89 -44.31 -28.19 -21.70
CA GLU F 89 -43.22 -27.54 -20.96
C GLU F 89 -42.11 -27.02 -21.87
N ASP F 90 -41.88 -27.72 -22.99
CA ASP F 90 -40.82 -27.36 -23.93
C ASP F 90 -41.10 -26.08 -24.75
N THR F 91 -42.34 -25.58 -24.72
CA THR F 91 -42.72 -24.33 -25.41
C THR F 91 -41.83 -23.16 -25.02
N ALA F 92 -41.15 -22.59 -26.00
CA ALA F 92 -40.21 -21.48 -25.78
C ALA F 92 -39.75 -20.86 -27.09
N VAL F 93 -38.97 -19.78 -26.97
CA VAL F 93 -38.26 -19.19 -28.11
C VAL F 93 -36.85 -19.79 -28.13
N TYR F 94 -36.60 -20.71 -29.04
CA TYR F 94 -35.30 -21.40 -29.13
C TYR F 94 -34.30 -20.55 -29.91
N TYR F 95 -33.15 -20.28 -29.30
CA TYR F 95 -32.07 -19.48 -29.91
C TYR F 95 -30.85 -20.34 -30.24
N CYS F 96 -30.27 -20.09 -31.41
CA CYS F 96 -29.04 -20.75 -31.85
C CYS F 96 -27.87 -19.93 -31.34
N ASN F 97 -26.82 -20.62 -30.90
CA ASN F 97 -25.61 -19.96 -30.37
C ASN F 97 -24.34 -20.56 -30.95
N VAL F 98 -23.38 -19.71 -31.30
CA VAL F 98 -22.03 -20.13 -31.69
C VAL F 98 -21.03 -19.40 -30.81
N LYS F 99 -20.22 -20.17 -30.08
CA LYS F 99 -19.07 -19.63 -29.33
C LYS F 99 -17.80 -19.87 -30.12
N ASP F 100 -17.21 -18.78 -30.63
CA ASP F 100 -16.02 -18.80 -31.47
C ASP F 100 -14.80 -18.61 -30.56
N TYR F 101 -13.83 -19.49 -30.67
CA TYR F 101 -12.61 -19.45 -29.85
C TYR F 101 -11.37 -18.91 -30.59
N GLY F 102 -11.58 -18.21 -31.71
CA GLY F 102 -10.51 -17.70 -32.57
C GLY F 102 -9.61 -16.64 -31.95
N ALA F 103 -10.11 -15.94 -30.94
CA ALA F 103 -9.31 -14.95 -30.19
C ALA F 103 -8.29 -15.61 -29.25
N VAL F 104 -8.51 -16.88 -28.89
CA VAL F 104 -7.63 -17.69 -28.02
C VAL F 104 -7.83 -17.34 -26.53
N LEU F 105 -7.76 -16.06 -26.21
CA LEU F 105 -7.83 -15.61 -24.82
C LEU F 105 -9.26 -15.43 -24.34
N TYR F 106 -10.17 -15.12 -25.26
CA TYR F 106 -11.61 -15.01 -24.95
C TYR F 106 -12.48 -15.70 -25.99
N GLU F 107 -13.76 -15.84 -25.65
CA GLU F 107 -14.75 -16.38 -26.59
C GLU F 107 -15.62 -15.24 -27.07
N TYR F 108 -16.03 -15.31 -28.34
CA TYR F 108 -16.97 -14.36 -28.92
C TYR F 108 -18.28 -15.09 -29.17
N ASP F 109 -19.40 -14.44 -28.80
CA ASP F 109 -20.73 -15.04 -28.96
C ASP F 109 -21.43 -14.52 -30.21
N TYR F 110 -22.14 -15.43 -30.87
CA TYR F 110 -23.08 -15.10 -31.92
C TYR F 110 -24.42 -15.66 -31.50
N TRP F 111 -25.46 -14.82 -31.59
CA TRP F 111 -26.82 -15.26 -31.30
C TRP F 111 -27.72 -15.04 -32.50
N GLY F 112 -28.58 -16.03 -32.79
CA GLY F 112 -29.64 -15.88 -33.78
C GLY F 112 -30.82 -15.09 -33.23
N GLN F 113 -31.70 -14.66 -34.13
CA GLN F 113 -32.89 -13.88 -33.76
C GLN F 113 -33.85 -14.61 -32.81
N GLY F 114 -33.88 -15.94 -32.88
CA GLY F 114 -34.78 -16.78 -32.10
C GLY F 114 -35.94 -17.28 -32.97
N THR F 115 -36.41 -18.50 -32.72
CA THR F 115 -37.51 -19.09 -33.50
C THR F 115 -38.51 -19.77 -32.55
N GLN F 116 -39.80 -19.48 -32.74
CA GLN F 116 -40.84 -19.93 -31.80
C GLN F 116 -41.12 -21.41 -31.97
N VAL F 117 -41.15 -22.13 -30.87
CA VAL F 117 -41.65 -23.49 -30.81
C VAL F 117 -42.76 -23.48 -29.77
N THR F 118 -43.90 -24.07 -30.13
CA THR F 118 -45.09 -24.10 -29.28
C THR F 118 -45.69 -25.51 -29.31
N VAL F 119 -45.82 -26.11 -28.13
CA VAL F 119 -46.33 -27.47 -28.00
C VAL F 119 -47.58 -27.44 -27.13
N SER F 120 -48.64 -28.10 -27.60
CA SER F 120 -49.94 -28.13 -26.93
C SER F 120 -50.36 -29.57 -26.58
N SER F 121 -51.25 -29.68 -25.59
CA SER F 121 -51.75 -30.99 -25.09
C SER F 121 -53.17 -31.30 -25.56
#